data_7XBM
#
_entry.id   7XBM
#
_cell.length_a   60.040
_cell.length_b   108.331
_cell.length_c   153.300
_cell.angle_alpha   90.000
_cell.angle_beta   90.000
_cell.angle_gamma   90.000
#
_symmetry.space_group_name_H-M   'P 21 21 21'
#
loop_
_entity.id
_entity.type
_entity.pdbx_description
1 polymer 'Cytochrome P450 monooxygenase PikC'
2 non-polymer 'PROTOPORPHYRIN IX CONTAINING FE'
3 non-polymer 'SULFATE ION'
4 non-polymer 'CACODYLATE ION'
5 non-polymer GLYCEROL
6 non-polymer DI(HYDROXYETHYL)ETHER
7 water water
#
_entity_poly.entity_id   1
_entity_poly.type   'polypeptide(L)'
_entity_poly.pdbx_seq_one_letter_code
;MGSSHHHHHHSSGLVPRGSHMRRTQQGTTASPPVLDLGALGQDFAADPYPTYARLRAEGPAHRVRTPEGDEVWLVVGYDR
ARAVLADPRFSKDWRNSTTPLTEAEAALNHNMLESDPPRHTRLRKLVAREFTMRRVELLRPRVQEIVDGLVDAMLAAPDG
RADLMESLAWPLPITVISELLGVPEPDRAAFRVWTDAFVFPDDPAQAQTAMAEMSGYLSRLIDSKRGQDGEDLLSALVRT
SDEDGSRLTSEELLGMA(4AF)ILLVAGHETTVNLIANGMYALLSHPDQLAALRADMTLLDGAVEEMLRYEGPVESATYR
FPVEPVDLDGTVIPAGDTVLVVLADAHRTPERFPDPHRFDIRRDTAGHLAFGHGIHFCIGAPLARLEARIAVRALLERCP
DLALDVSPGELVWYPNPMIRGLKALPIRWRRGREAGRRTGLEHHHHHH
;
_entity_poly.pdbx_strand_id   A,B
#
# COMPACT_ATOMS: atom_id res chain seq x y z
N PRO A 33 -12.84 -4.04 -29.36
CA PRO A 33 -13.17 -5.27 -28.62
C PRO A 33 -13.96 -4.98 -27.35
N VAL A 34 -13.98 -5.93 -26.42
CA VAL A 34 -14.67 -5.81 -25.15
C VAL A 34 -13.68 -6.14 -24.05
N LEU A 35 -13.46 -5.20 -23.13
CA LEU A 35 -12.54 -5.39 -22.02
C LEU A 35 -13.26 -6.04 -20.85
N ASP A 36 -12.80 -7.22 -20.43
CA ASP A 36 -13.37 -7.91 -19.29
C ASP A 36 -12.73 -7.38 -18.01
N LEU A 37 -13.54 -6.72 -17.17
CA LEU A 37 -13.06 -6.21 -15.90
C LEU A 37 -12.86 -7.30 -14.86
N GLY A 38 -13.55 -8.44 -15.00
CA GLY A 38 -13.37 -9.53 -14.06
C GLY A 38 -11.99 -10.15 -14.15
N ALA A 39 -11.43 -10.22 -15.36
CA ALA A 39 -10.11 -10.81 -15.54
C ALA A 39 -9.01 -9.98 -14.89
N LEU A 40 -9.27 -8.70 -14.60
CA LEU A 40 -8.27 -7.85 -13.97
C LEU A 40 -8.11 -8.12 -12.47
N GLY A 41 -8.95 -8.97 -11.89
CA GLY A 41 -8.80 -9.37 -10.51
C GLY A 41 -9.03 -8.24 -9.51
N GLN A 42 -8.63 -8.52 -8.26
CA GLN A 42 -8.75 -7.54 -7.19
C GLN A 42 -7.92 -6.29 -7.47
N ASP A 43 -6.89 -6.39 -8.32
CA ASP A 43 -6.09 -5.22 -8.68
C ASP A 43 -6.96 -4.11 -9.25
N PHE A 44 -7.99 -4.47 -10.03
CA PHE A 44 -8.92 -3.46 -10.53
C PHE A 44 -9.83 -2.95 -9.43
N ALA A 45 -10.29 -3.85 -8.55
CA ALA A 45 -11.13 -3.43 -7.45
C ALA A 45 -10.38 -2.53 -6.48
N ALA A 46 -9.10 -2.80 -6.26
CA ALA A 46 -8.32 -2.01 -5.32
C ALA A 46 -7.88 -0.68 -5.92
N ASP A 47 -7.56 -0.66 -7.21
CA ASP A 47 -7.09 0.55 -7.88
C ASP A 47 -7.56 0.52 -9.34
N PRO A 48 -8.80 0.97 -9.59
CA PRO A 48 -9.32 0.95 -10.96
C PRO A 48 -8.90 2.14 -11.80
N TYR A 49 -8.28 3.15 -11.20
CA TYR A 49 -8.01 4.40 -11.90
C TYR A 49 -7.05 4.25 -13.09
N PRO A 50 -5.94 3.50 -13.01
CA PRO A 50 -5.11 3.33 -14.20
C PRO A 50 -5.83 2.65 -15.35
N THR A 51 -6.79 1.78 -15.06
CA THR A 51 -7.56 1.14 -16.13
C THR A 51 -8.49 2.14 -16.80
N TYR A 52 -9.17 2.98 -16.01
CA TYR A 52 -10.02 4.01 -16.58
C TYR A 52 -9.22 5.03 -17.37
N ALA A 53 -8.11 5.51 -16.78
CA ALA A 53 -7.28 6.50 -17.45
C ALA A 53 -6.70 5.97 -18.75
N ARG A 54 -6.42 4.67 -18.83
CA ARG A 54 -5.97 4.08 -20.07
C ARG A 54 -7.05 4.19 -21.15
N LEU A 55 -8.31 4.02 -20.77
CA LEU A 55 -9.40 4.08 -21.73
C LEU A 55 -9.69 5.52 -22.15
N ARG A 56 -9.60 6.47 -21.22
CA ARG A 56 -9.84 7.86 -21.55
C ARG A 56 -8.83 8.38 -22.56
N ALA A 57 -7.61 7.82 -22.55
CA ALA A 57 -6.59 8.27 -23.50
C ALA A 57 -6.98 7.96 -24.94
N GLU A 58 -7.68 6.86 -25.17
CA GLU A 58 -8.03 6.43 -26.51
C GLU A 58 -9.46 6.82 -26.93
N GLY A 59 -10.25 7.39 -26.02
CA GLY A 59 -11.59 7.80 -26.36
C GLY A 59 -12.51 7.91 -25.15
N PRO A 60 -13.74 8.39 -25.39
CA PRO A 60 -14.67 8.60 -24.27
C PRO A 60 -15.58 7.41 -23.98
N ALA A 61 -15.96 6.65 -25.01
CA ALA A 61 -16.91 5.55 -24.87
C ALA A 61 -16.22 4.22 -25.14
N HIS A 62 -16.50 3.23 -24.30
CA HIS A 62 -15.83 1.94 -24.40
C HIS A 62 -16.77 0.82 -23.96
N ARG A 63 -16.80 -0.25 -24.74
CA ARG A 63 -17.54 -1.46 -24.38
C ARG A 63 -16.70 -2.29 -23.41
N VAL A 64 -17.26 -2.59 -22.24
CA VAL A 64 -16.59 -3.42 -21.26
C VAL A 64 -17.54 -4.51 -20.78
N ARG A 65 -16.95 -5.56 -20.22
CA ARG A 65 -17.69 -6.61 -19.54
C ARG A 65 -17.43 -6.49 -18.05
N THR A 66 -18.49 -6.29 -17.27
CA THR A 66 -18.36 -6.10 -15.84
C THR A 66 -17.83 -7.39 -15.20
N PRO A 67 -17.24 -7.30 -14.01
CA PRO A 67 -16.78 -8.51 -13.32
C PRO A 67 -17.87 -9.53 -13.09
N GLU A 68 -19.14 -9.12 -13.13
CA GLU A 68 -20.28 -10.00 -12.97
C GLU A 68 -20.81 -10.52 -14.29
N GLY A 69 -20.32 -10.01 -15.42
CA GLY A 69 -20.65 -10.57 -16.72
C GLY A 69 -21.58 -9.75 -17.57
N ASP A 70 -21.78 -8.47 -17.28
CA ASP A 70 -22.68 -7.63 -18.03
C ASP A 70 -21.89 -6.79 -19.04
N GLU A 71 -22.38 -6.73 -20.27
CA GLU A 71 -21.80 -5.90 -21.32
C GLU A 71 -22.41 -4.51 -21.24
N VAL A 72 -21.62 -3.53 -20.81
CA VAL A 72 -22.08 -2.16 -20.65
C VAL A 72 -21.09 -1.23 -21.36
N TRP A 73 -21.49 0.04 -21.44
CA TRP A 73 -20.63 1.09 -21.97
C TRP A 73 -20.04 1.89 -20.82
N LEU A 74 -18.78 2.26 -20.94
CA LEU A 74 -18.10 3.13 -19.98
C LEU A 74 -17.88 4.48 -20.64
N VAL A 75 -18.32 5.55 -19.96
CA VAL A 75 -18.07 6.92 -20.38
C VAL A 75 -17.04 7.50 -19.44
N VAL A 76 -15.88 7.87 -19.98
CA VAL A 76 -14.75 8.36 -19.20
C VAL A 76 -14.43 9.78 -19.64
N GLY A 77 -13.59 10.45 -18.85
CA GLY A 77 -13.25 11.83 -19.11
C GLY A 77 -14.23 12.77 -18.44
N TYR A 78 -13.73 13.79 -17.74
CA TYR A 78 -14.59 14.64 -16.94
C TYR A 78 -15.64 15.35 -17.79
N ASP A 79 -15.20 16.04 -18.84
CA ASP A 79 -16.11 16.85 -19.64
C ASP A 79 -17.23 15.99 -20.23
N ARG A 80 -16.88 14.83 -20.77
CA ARG A 80 -17.89 13.94 -21.32
C ARG A 80 -18.79 13.40 -20.22
N ALA A 81 -18.21 13.05 -19.07
CA ALA A 81 -19.00 12.48 -17.97
C ALA A 81 -20.03 13.48 -17.47
N ARG A 82 -19.61 14.73 -17.24
CA ARG A 82 -20.54 15.75 -16.78
C ARG A 82 -21.65 15.98 -17.79
N ALA A 83 -21.31 15.98 -19.08
CA ALA A 83 -22.31 16.23 -20.12
C ALA A 83 -23.33 15.11 -20.19
N VAL A 84 -22.86 13.85 -20.16
CA VAL A 84 -23.77 12.72 -20.30
C VAL A 84 -24.74 12.64 -19.13
N LEU A 85 -24.31 13.05 -17.93
CA LEU A 85 -25.18 12.99 -16.77
C LEU A 85 -26.41 13.87 -16.94
N ALA A 86 -26.28 14.98 -17.67
CA ALA A 86 -27.39 15.91 -17.86
C ALA A 86 -27.94 15.87 -19.29
N ASP A 87 -27.51 14.91 -20.09
CA ASP A 87 -27.99 14.81 -21.47
C ASP A 87 -29.33 14.08 -21.50
N PRO A 88 -30.40 14.72 -21.97
CA PRO A 88 -31.70 14.02 -22.03
C PRO A 88 -31.72 12.88 -23.03
N ARG A 89 -30.76 12.82 -23.95
CA ARG A 89 -30.67 11.67 -24.86
C ARG A 89 -30.36 10.39 -24.11
N PHE A 90 -29.69 10.50 -22.97
CA PHE A 90 -29.37 9.36 -22.12
C PHE A 90 -30.45 9.26 -21.04
N SER A 91 -31.44 8.41 -21.27
CA SER A 91 -32.60 8.32 -20.41
C SER A 91 -32.35 7.36 -19.25
N LYS A 92 -33.20 7.48 -18.23
CA LYS A 92 -33.15 6.61 -17.06
C LYS A 92 -34.41 5.76 -16.92
N ASP A 93 -35.37 5.91 -17.82
CA ASP A 93 -36.55 5.05 -17.85
C ASP A 93 -36.18 3.72 -18.48
N TRP A 94 -36.35 2.63 -17.72
CA TRP A 94 -35.99 1.31 -18.22
C TRP A 94 -36.85 0.87 -19.40
N ARG A 95 -37.94 1.58 -19.69
CA ARG A 95 -38.68 1.33 -20.92
C ARG A 95 -37.84 1.59 -22.16
N ASN A 96 -36.83 2.45 -22.04
CA ASN A 96 -35.92 2.76 -23.14
C ASN A 96 -34.74 1.80 -23.21
N SER A 97 -34.68 0.80 -22.33
CA SER A 97 -33.56 -0.12 -22.29
C SER A 97 -33.97 -1.46 -22.92
N THR A 98 -33.02 -2.09 -23.60
CA THR A 98 -33.20 -3.43 -24.13
C THR A 98 -32.86 -4.52 -23.12
N THR A 99 -32.41 -4.12 -21.92
CA THR A 99 -32.10 -5.09 -20.87
C THR A 99 -33.37 -5.42 -20.09
N PRO A 100 -33.65 -6.70 -19.86
CA PRO A 100 -34.88 -7.06 -19.14
C PRO A 100 -34.72 -6.95 -17.63
N LEU A 101 -35.82 -6.61 -16.98
CA LEU A 101 -35.88 -6.52 -15.52
C LEU A 101 -36.57 -7.77 -14.99
N THR A 102 -35.96 -8.39 -13.97
CA THR A 102 -36.62 -9.49 -13.28
C THR A 102 -37.85 -8.98 -12.55
N GLU A 103 -38.68 -9.93 -12.09
CA GLU A 103 -39.90 -9.55 -11.38
C GLU A 103 -39.58 -8.76 -10.11
N ALA A 104 -38.55 -9.17 -9.38
CA ALA A 104 -38.17 -8.46 -8.17
C ALA A 104 -37.60 -7.08 -8.50
N GLU A 105 -36.76 -7.00 -9.54
CA GLU A 105 -36.20 -5.71 -9.93
C GLU A 105 -37.29 -4.75 -10.38
N ALA A 106 -38.27 -5.24 -11.15
CA ALA A 106 -39.33 -4.38 -11.66
C ALA A 106 -40.23 -3.87 -10.54
N ALA A 107 -40.32 -4.61 -9.42
CA ALA A 107 -41.22 -4.21 -8.34
C ALA A 107 -40.76 -2.93 -7.65
N LEU A 108 -39.45 -2.68 -7.63
CA LEU A 108 -38.90 -1.49 -6.99
C LEU A 108 -38.45 -0.43 -8.00
N ASN A 109 -38.84 -0.59 -9.27
CA ASN A 109 -38.32 0.25 -10.35
C ASN A 109 -39.03 1.59 -10.46
N HIS A 110 -40.25 1.71 -9.94
CA HIS A 110 -41.05 2.93 -10.07
C HIS A 110 -40.61 3.96 -9.03
N ASN A 111 -39.41 4.51 -9.24
CA ASN A 111 -38.86 5.53 -8.36
C ASN A 111 -38.25 6.64 -9.20
N MET A 112 -37.93 7.76 -8.53
CA MET A 112 -37.50 8.96 -9.24
C MET A 112 -36.16 8.78 -9.92
N LEU A 113 -35.29 7.92 -9.38
CA LEU A 113 -33.98 7.74 -9.99
C LEU A 113 -34.08 7.05 -11.34
N GLU A 114 -35.02 6.12 -11.49
CA GLU A 114 -35.22 5.40 -12.75
C GLU A 114 -36.36 5.99 -13.56
N SER A 115 -36.37 7.31 -13.69
CA SER A 115 -37.44 8.00 -14.39
C SER A 115 -36.89 9.22 -15.10
N ASP A 116 -37.56 9.58 -16.19
CA ASP A 116 -37.37 10.83 -16.91
C ASP A 116 -38.58 11.72 -16.69
N PRO A 117 -38.50 13.00 -17.03
CA PRO A 117 -39.69 13.84 -17.01
C PRO A 117 -40.75 13.28 -17.93
N PRO A 118 -42.04 13.43 -17.58
CA PRO A 118 -42.52 14.17 -16.41
C PRO A 118 -42.66 13.34 -15.13
N ARG A 119 -42.42 12.03 -15.21
CA ARG A 119 -42.56 11.21 -14.01
C ARG A 119 -41.54 11.58 -12.95
N HIS A 120 -40.29 11.82 -13.37
CA HIS A 120 -39.27 12.24 -12.40
C HIS A 120 -39.66 13.56 -11.75
N THR A 121 -40.17 14.51 -12.53
CA THR A 121 -40.57 15.80 -11.98
C THR A 121 -41.62 15.63 -10.90
N ARG A 122 -42.65 14.80 -11.17
CA ARG A 122 -43.75 14.63 -10.23
C ARG A 122 -43.28 13.96 -8.94
N LEU A 123 -42.47 12.91 -9.06
CA LEU A 123 -42.07 12.14 -7.88
C LEU A 123 -41.15 12.94 -6.97
N ARG A 124 -40.15 13.63 -7.55
CA ARG A 124 -39.21 14.38 -6.73
C ARG A 124 -39.89 15.55 -6.02
N LYS A 125 -40.92 16.13 -6.64
CA LYS A 125 -41.65 17.22 -6.00
C LYS A 125 -42.33 16.77 -4.71
N LEU A 126 -42.56 15.47 -4.55
CA LEU A 126 -43.26 14.98 -3.37
C LEU A 126 -42.40 15.09 -2.11
N VAL A 127 -41.08 15.02 -2.24
CA VAL A 127 -40.23 14.90 -1.05
C VAL A 127 -39.11 15.93 -1.09
N ALA A 128 -39.16 16.85 -2.05
CA ALA A 128 -38.07 17.81 -2.20
C ALA A 128 -37.95 18.70 -0.97
N ARG A 129 -39.06 19.10 -0.38
CA ARG A 129 -39.02 20.00 0.77
C ARG A 129 -38.40 19.33 1.98
N GLU A 130 -38.44 18.00 2.07
CA GLU A 130 -37.92 17.29 3.22
C GLU A 130 -36.39 17.24 3.25
N PHE A 131 -35.72 17.60 2.16
CA PHE A 131 -34.28 17.39 2.03
C PHE A 131 -33.53 18.69 1.71
N THR A 132 -34.15 19.84 1.94
CA THR A 132 -33.45 21.11 1.76
C THR A 132 -32.42 21.31 2.87
N MET A 133 -31.52 22.28 2.64
CA MET A 133 -30.50 22.59 3.63
C MET A 133 -31.12 23.07 4.93
N ARG A 134 -32.11 23.97 4.83
CA ARG A 134 -32.73 24.53 6.03
C ARG A 134 -33.51 23.47 6.81
N ARG A 135 -34.06 22.47 6.11
CA ARG A 135 -34.80 21.42 6.79
C ARG A 135 -33.87 20.35 7.37
N VAL A 136 -32.81 20.01 6.63
CA VAL A 136 -31.83 19.06 7.14
C VAL A 136 -31.07 19.64 8.32
N GLU A 137 -30.85 20.96 8.32
CA GLU A 137 -30.18 21.60 9.45
C GLU A 137 -30.92 21.39 10.76
N LEU A 138 -32.24 21.21 10.70
CA LEU A 138 -33.01 20.94 11.89
C LEU A 138 -32.69 19.56 12.48
N LEU A 139 -32.11 18.66 11.69
CA LEU A 139 -31.72 17.35 12.18
C LEU A 139 -30.35 17.34 12.83
N ARG A 140 -29.58 18.43 12.71
CA ARG A 140 -28.22 18.48 13.22
C ARG A 140 -28.09 18.07 14.69
N PRO A 141 -28.92 18.53 15.62
CA PRO A 141 -28.79 18.04 17.00
C PRO A 141 -28.94 16.54 17.13
N ARG A 142 -29.94 15.95 16.49
CA ARG A 142 -30.12 14.50 16.58
C ARG A 142 -28.98 13.75 15.89
N VAL A 143 -28.50 14.28 14.77
CA VAL A 143 -27.35 13.66 14.10
C VAL A 143 -26.13 13.68 15.02
N GLN A 144 -25.89 14.81 15.68
CA GLN A 144 -24.78 14.90 16.62
C GLN A 144 -24.96 13.93 17.78
N GLU A 145 -26.21 13.71 18.21
CA GLU A 145 -26.46 12.78 19.30
C GLU A 145 -26.16 11.35 18.88
N ILE A 146 -26.61 10.96 17.68
CA ILE A 146 -26.34 9.62 17.18
C ILE A 146 -24.84 9.40 17.03
N VAL A 147 -24.13 10.41 16.53
CA VAL A 147 -22.68 10.29 16.37
C VAL A 147 -22.00 10.18 17.73
N ASP A 148 -22.41 11.04 18.68
CA ASP A 148 -21.78 11.04 20.00
C ASP A 148 -21.93 9.70 20.69
N GLY A 149 -23.10 9.08 20.58
CA GLY A 149 -23.31 7.80 21.24
C GLY A 149 -22.52 6.67 20.60
N LEU A 150 -22.40 6.70 19.26
CA LEU A 150 -21.64 5.65 18.57
C LEU A 150 -20.15 5.78 18.86
N VAL A 151 -19.64 7.00 18.95
CA VAL A 151 -18.24 7.20 19.30
C VAL A 151 -17.97 6.69 20.72
N ASP A 152 -18.91 6.91 21.63
CA ASP A 152 -18.77 6.41 22.99
C ASP A 152 -18.68 4.89 23.02
N ALA A 153 -19.62 4.22 22.36
CA ALA A 153 -19.61 2.76 22.34
C ALA A 153 -18.37 2.21 21.66
N MET A 154 -17.81 2.94 20.70
CA MET A 154 -16.56 2.51 20.07
C MET A 154 -15.39 2.64 21.05
N LEU A 155 -15.30 3.78 21.73
CA LEU A 155 -14.21 4.03 22.66
C LEU A 155 -14.26 3.14 23.90
N ALA A 156 -15.33 2.38 24.08
CA ALA A 156 -15.45 1.47 25.21
C ALA A 156 -14.75 0.14 24.98
N ALA A 157 -14.20 -0.09 23.79
CA ALA A 157 -13.45 -1.31 23.54
C ALA A 157 -12.19 -1.29 24.38
N PRO A 158 -11.84 -2.40 25.06
CA PRO A 158 -10.70 -2.35 25.98
C PRO A 158 -9.35 -2.27 25.28
N ASP A 159 -9.20 -2.98 24.15
CA ASP A 159 -7.92 -3.02 23.45
C ASP A 159 -7.67 -1.77 22.61
N GLY A 160 -8.59 -0.81 22.59
CA GLY A 160 -8.37 0.41 21.83
C GLY A 160 -8.36 0.22 20.33
N ARG A 161 -9.00 -0.84 19.83
CA ARG A 161 -9.09 -1.11 18.40
C ARG A 161 -10.54 -1.34 18.03
N ALA A 162 -10.87 -1.05 16.77
CA ALA A 162 -12.25 -1.20 16.30
C ALA A 162 -12.28 -1.16 14.80
N ASP A 163 -13.37 -1.68 14.24
CA ASP A 163 -13.68 -1.55 12.81
C ASP A 163 -14.59 -0.34 12.66
N LEU A 164 -14.09 0.70 11.98
CA LEU A 164 -14.87 1.93 11.85
C LEU A 164 -16.14 1.72 11.05
N MET A 165 -16.15 0.75 10.14
CA MET A 165 -17.36 0.43 9.39
C MET A 165 -18.48 -0.03 10.32
N GLU A 166 -18.21 -1.07 11.12
CA GLU A 166 -19.21 -1.63 12.01
C GLU A 166 -19.57 -0.70 13.16
N SER A 167 -18.67 0.21 13.54
CA SER A 167 -18.86 1.01 14.75
C SER A 167 -19.48 2.38 14.50
N LEU A 168 -19.36 2.92 13.28
CA LEU A 168 -19.84 4.26 13.04
C LEU A 168 -20.28 4.47 11.58
N ALA A 169 -19.50 3.95 10.64
CA ALA A 169 -19.76 4.23 9.23
C ALA A 169 -21.09 3.67 8.78
N TRP A 170 -21.48 2.50 9.30
CA TRP A 170 -22.76 1.92 8.94
C TRP A 170 -23.89 2.34 9.89
N PRO A 171 -23.70 2.29 11.21
CA PRO A 171 -24.85 2.60 12.09
C PRO A 171 -25.40 4.01 11.93
N LEU A 172 -24.55 5.00 11.65
CA LEU A 172 -25.03 6.37 11.62
C LEU A 172 -26.00 6.62 10.46
N PRO A 173 -25.67 6.32 9.20
CA PRO A 173 -26.62 6.64 8.12
C PRO A 173 -27.91 5.84 8.21
N ILE A 174 -27.84 4.57 8.60
CA ILE A 174 -29.06 3.76 8.65
C ILE A 174 -29.97 4.22 9.78
N THR A 175 -29.41 4.78 10.85
CA THR A 175 -30.23 5.26 11.95
C THR A 175 -30.94 6.56 11.57
N VAL A 176 -30.23 7.46 10.90
CA VAL A 176 -30.82 8.74 10.50
C VAL A 176 -31.98 8.51 9.53
N ILE A 177 -31.74 7.75 8.46
CA ILE A 177 -32.77 7.56 7.44
C ILE A 177 -33.93 6.73 7.99
N SER A 178 -33.68 5.86 8.96
CA SER A 178 -34.77 5.06 9.53
C SER A 178 -35.68 5.93 10.39
N GLU A 179 -35.11 6.85 11.17
CA GLU A 179 -35.93 7.75 11.96
C GLU A 179 -36.70 8.73 11.09
N LEU A 180 -36.12 9.11 9.94
CA LEU A 180 -36.82 10.02 9.03
C LEU A 180 -38.01 9.35 8.38
N LEU A 181 -37.85 8.11 7.92
CA LEU A 181 -38.92 7.42 7.22
C LEU A 181 -39.80 6.57 8.13
N GLY A 182 -39.33 6.25 9.33
CA GLY A 182 -40.16 5.50 10.26
C GLY A 182 -39.97 3.99 10.17
N VAL A 183 -38.73 3.55 10.06
CA VAL A 183 -38.39 2.13 10.10
C VAL A 183 -38.10 1.75 11.54
N PRO A 184 -38.85 0.83 12.13
CA PRO A 184 -38.60 0.46 13.53
C PRO A 184 -37.20 -0.08 13.73
N GLU A 185 -36.62 0.23 14.89
CA GLU A 185 -35.26 -0.21 15.21
C GLU A 185 -35.03 -1.70 15.01
N PRO A 186 -35.92 -2.61 15.45
CA PRO A 186 -35.65 -4.04 15.24
C PRO A 186 -35.59 -4.46 13.77
N ASP A 187 -36.03 -3.61 12.84
CA ASP A 187 -36.07 -3.97 11.43
C ASP A 187 -34.84 -3.53 10.66
N ARG A 188 -33.95 -2.74 11.28
CA ARG A 188 -32.86 -2.12 10.54
C ARG A 188 -31.69 -3.06 10.27
N ALA A 189 -31.55 -4.14 11.04
CA ALA A 189 -30.43 -5.05 10.83
C ALA A 189 -30.54 -5.77 9.49
N ALA A 190 -31.74 -6.21 9.13
CA ALA A 190 -31.93 -6.91 7.86
C ALA A 190 -31.59 -6.04 6.66
N PHE A 191 -31.56 -4.71 6.83
CA PHE A 191 -31.24 -3.85 5.70
C PHE A 191 -29.76 -3.94 5.32
N ARG A 192 -28.87 -4.10 6.30
CA ARG A 192 -27.46 -4.31 5.98
C ARG A 192 -27.28 -5.62 5.23
N VAL A 193 -27.97 -6.67 5.65
CA VAL A 193 -27.87 -7.96 4.96
C VAL A 193 -28.36 -7.83 3.53
N TRP A 194 -29.46 -7.08 3.32
CA TRP A 194 -30.01 -6.95 1.98
C TRP A 194 -29.07 -6.16 1.07
N THR A 195 -28.61 -4.99 1.51
CA THR A 195 -27.70 -4.20 0.70
C THR A 195 -26.34 -4.88 0.54
N ASP A 196 -25.96 -5.73 1.51
CA ASP A 196 -24.77 -6.55 1.32
C ASP A 196 -24.96 -7.52 0.16
N ALA A 197 -26.18 -7.99 -0.05
CA ALA A 197 -26.48 -8.84 -1.21
C ALA A 197 -26.59 -8.04 -2.50
N PHE A 198 -26.92 -6.75 -2.41
CA PHE A 198 -26.95 -5.91 -3.61
C PHE A 198 -25.54 -5.62 -4.10
N VAL A 199 -24.71 -5.02 -3.24
CA VAL A 199 -23.38 -4.60 -3.65
C VAL A 199 -22.52 -5.81 -3.98
N PHE A 200 -22.60 -6.84 -3.13
CA PHE A 200 -21.72 -8.01 -3.30
C PHE A 200 -22.53 -9.30 -3.21
N PRO A 201 -23.22 -9.72 -4.28
CA PRO A 201 -23.93 -11.01 -4.27
C PRO A 201 -22.94 -12.16 -4.38
N ASP A 202 -22.94 -13.03 -3.36
CA ASP A 202 -22.21 -14.29 -3.47
C ASP A 202 -22.64 -15.04 -4.73
N ASP A 203 -23.93 -14.98 -5.03
CA ASP A 203 -24.55 -15.51 -6.23
C ASP A 203 -25.63 -14.52 -6.63
N PRO A 204 -25.75 -14.21 -7.92
CA PRO A 204 -26.83 -13.32 -8.38
C PRO A 204 -28.21 -13.69 -7.85
N ALA A 205 -28.43 -14.97 -7.51
CA ALA A 205 -29.72 -15.37 -6.96
C ALA A 205 -29.94 -14.81 -5.56
N GLN A 206 -28.87 -14.48 -4.84
CA GLN A 206 -29.02 -13.96 -3.46
C GLN A 206 -29.45 -12.49 -3.53
N ALA A 207 -28.95 -11.76 -4.54
CA ALA A 207 -29.41 -10.39 -4.72
C ALA A 207 -30.89 -10.34 -5.07
N GLN A 208 -31.32 -11.26 -5.94
CA GLN A 208 -32.74 -11.33 -6.29
C GLN A 208 -33.58 -11.69 -5.08
N THR A 209 -33.10 -12.62 -4.25
CA THR A 209 -33.83 -13.00 -3.05
C THR A 209 -33.92 -11.83 -2.07
N ALA A 210 -32.86 -11.02 -1.99
CA ALA A 210 -32.88 -9.86 -1.10
C ALA A 210 -33.84 -8.79 -1.62
N MET A 211 -33.91 -8.61 -2.94
CA MET A 211 -34.83 -7.63 -3.50
C MET A 211 -36.28 -8.00 -3.23
N ALA A 212 -36.62 -9.28 -3.37
CA ALA A 212 -37.98 -9.73 -3.08
C ALA A 212 -38.28 -9.63 -1.59
N GLU A 213 -37.31 -9.96 -0.75
CA GLU A 213 -37.51 -9.85 0.69
C GLU A 213 -37.70 -8.40 1.11
N MET A 214 -36.91 -7.49 0.56
CA MET A 214 -37.07 -6.07 0.86
C MET A 214 -38.39 -5.54 0.32
N SER A 215 -38.74 -5.90 -0.92
CA SER A 215 -40.01 -5.46 -1.50
C SER A 215 -41.18 -5.92 -0.67
N GLY A 216 -41.14 -7.17 -0.20
CA GLY A 216 -42.21 -7.66 0.66
C GLY A 216 -42.28 -6.95 2.00
N TYR A 217 -41.12 -6.74 2.63
CA TYR A 217 -41.11 -6.07 3.93
C TYR A 217 -41.59 -4.63 3.81
N LEU A 218 -41.12 -3.91 2.78
CA LEU A 218 -41.52 -2.52 2.62
C LEU A 218 -43.02 -2.40 2.40
N SER A 219 -43.61 -3.34 1.66
CA SER A 219 -45.06 -3.34 1.47
C SER A 219 -45.78 -3.57 2.79
N ARG A 220 -45.22 -4.44 3.64
CA ARG A 220 -45.82 -4.66 4.96
C ARG A 220 -45.65 -3.44 5.84
N LEU A 221 -44.49 -2.77 5.77
CA LEU A 221 -44.28 -1.55 6.54
C LEU A 221 -45.19 -0.43 6.06
N ILE A 222 -45.37 -0.32 4.74
CA ILE A 222 -46.30 0.68 4.19
C ILE A 222 -47.71 0.41 4.71
N ASP A 223 -48.14 -0.85 4.67
CA ASP A 223 -49.47 -1.20 5.14
C ASP A 223 -49.61 -0.97 6.64
N SER A 224 -48.52 -1.09 7.39
CA SER A 224 -48.58 -0.90 8.83
C SER A 224 -48.76 0.56 9.23
N LYS A 225 -48.39 1.50 8.36
CA LYS A 225 -48.58 2.92 8.65
C LYS A 225 -50.00 3.39 8.37
N ARG A 226 -50.79 2.61 7.64
CA ARG A 226 -52.10 3.06 7.19
C ARG A 226 -53.04 3.22 8.37
N GLY A 227 -53.58 4.42 8.53
CA GLY A 227 -54.55 4.71 9.58
C GLY A 227 -53.96 4.91 10.96
N GLN A 228 -52.64 4.97 11.09
CA GLN A 228 -51.99 5.10 12.39
C GLN A 228 -51.62 6.54 12.73
N ASP A 229 -51.83 7.48 11.81
CA ASP A 229 -51.61 8.91 12.06
C ASP A 229 -50.16 9.21 12.43
N GLY A 230 -49.21 8.43 11.90
CA GLY A 230 -47.81 8.74 12.11
C GLY A 230 -47.39 9.99 11.38
N GLU A 231 -46.33 10.63 11.89
CA GLU A 231 -45.82 11.87 11.32
C GLU A 231 -44.46 11.71 10.67
N ASP A 232 -43.98 10.48 10.50
CA ASP A 232 -42.76 10.25 9.74
C ASP A 232 -43.03 10.44 8.25
N LEU A 233 -41.94 10.42 7.46
CA LEU A 233 -42.06 10.70 6.04
C LEU A 233 -42.86 9.63 5.32
N LEU A 234 -42.66 8.36 5.67
CA LEU A 234 -43.39 7.28 5.01
C LEU A 234 -44.89 7.36 5.33
N SER A 235 -45.23 7.72 6.57
CA SER A 235 -46.64 7.88 6.91
C SER A 235 -47.29 8.98 6.09
N ALA A 236 -46.56 10.08 5.84
CA ALA A 236 -47.09 11.14 5.01
C ALA A 236 -47.22 10.70 3.56
N LEU A 237 -46.29 9.87 3.09
CA LEU A 237 -46.35 9.39 1.71
C LEU A 237 -47.51 8.42 1.52
N VAL A 238 -47.77 7.56 2.51
CA VAL A 238 -48.89 6.64 2.43
C VAL A 238 -50.20 7.41 2.32
N ARG A 239 -50.37 8.43 3.17
CA ARG A 239 -51.58 9.25 3.11
C ARG A 239 -51.69 9.97 1.77
N THR A 240 -50.57 10.47 1.26
CA THR A 240 -50.58 11.13 -0.05
C THR A 240 -51.06 10.18 -1.14
N SER A 241 -50.56 8.95 -1.13
CA SER A 241 -50.96 7.98 -2.15
C SER A 241 -52.43 7.58 -1.99
N ASP A 242 -52.88 7.41 -0.75
CA ASP A 242 -54.27 7.04 -0.51
C ASP A 242 -55.23 8.16 -0.91
N GLU A 243 -54.81 9.42 -0.74
CA GLU A 243 -55.69 10.53 -1.06
C GLU A 243 -55.88 10.68 -2.57
N ASP A 244 -54.82 10.45 -3.34
CA ASP A 244 -54.89 10.60 -4.80
C ASP A 244 -53.88 9.62 -5.41
N GLY A 245 -54.38 8.47 -5.87
CA GLY A 245 -53.51 7.47 -6.47
C GLY A 245 -52.84 7.92 -7.75
N SER A 246 -53.38 8.95 -8.40
CA SER A 246 -52.75 9.47 -9.61
C SER A 246 -51.52 10.31 -9.31
N ARG A 247 -51.46 10.92 -8.12
CA ARG A 247 -50.28 11.68 -7.74
C ARG A 247 -49.15 10.76 -7.28
N LEU A 248 -49.48 9.61 -6.71
CA LEU A 248 -48.47 8.68 -6.21
C LEU A 248 -49.10 7.29 -6.17
N THR A 249 -48.78 6.46 -7.15
CA THR A 249 -49.35 5.12 -7.21
C THR A 249 -48.75 4.24 -6.12
N SER A 250 -49.42 3.11 -5.87
CA SER A 250 -48.96 2.19 -4.84
C SER A 250 -47.60 1.58 -5.20
N GLU A 251 -47.36 1.34 -6.49
CA GLU A 251 -46.02 0.91 -6.91
C GLU A 251 -45.01 2.03 -6.72
N GLU A 252 -45.39 3.27 -7.04
CA GLU A 252 -44.50 4.39 -6.81
C GLU A 252 -44.31 4.65 -5.32
N LEU A 253 -45.31 4.36 -4.51
CA LEU A 253 -45.15 4.45 -3.06
C LEU A 253 -44.10 3.46 -2.57
N LEU A 254 -44.19 2.22 -3.03
CA LEU A 254 -43.16 1.23 -2.71
C LEU A 254 -41.80 1.65 -3.26
N GLY A 255 -41.78 2.11 -4.52
CA GLY A 255 -40.52 2.54 -5.11
C GLY A 255 -39.91 3.73 -4.38
N MET A 256 -40.75 4.66 -3.92
CA MET A 256 -40.24 5.82 -3.19
C MET A 256 -39.61 5.42 -1.87
N ALA A 257 -40.25 4.51 -1.14
CA ALA A 257 -39.71 4.03 0.14
C ALA A 257 -38.38 3.32 -0.09
N ILE A 259 -36.18 3.68 -2.72
CA ILE A 259 -35.08 4.54 -3.17
C ILE A 259 -34.58 5.45 -2.06
N LEU A 260 -35.47 5.87 -1.15
CA LEU A 260 -35.06 6.79 -0.09
C LEU A 260 -34.22 6.08 0.96
N LEU A 261 -34.52 4.81 1.23
CA LEU A 261 -33.79 4.06 2.25
C LEU A 261 -32.48 3.51 1.71
N VAL A 262 -32.47 3.02 0.48
CA VAL A 262 -31.24 2.36 -0.04
C VAL A 262 -30.24 3.42 -0.56
N ALA A 263 -30.68 4.33 -1.41
CA ALA A 263 -29.77 5.32 -2.00
C ALA A 263 -29.15 6.21 -0.93
N GLY A 264 -29.85 6.40 0.17
CA GLY A 264 -29.29 7.19 1.27
C GLY A 264 -28.21 6.45 2.04
N HIS A 265 -28.56 5.30 2.57
CA HIS A 265 -27.61 4.55 3.44
C HIS A 265 -26.31 4.19 2.71
N GLU A 266 -26.35 3.30 1.73
CA GLU A 266 -25.10 2.78 1.12
C GLU A 266 -24.08 3.86 0.78
N THR A 267 -24.49 4.90 0.07
CA THR A 267 -23.47 5.86 -0.35
C THR A 267 -22.86 6.60 0.83
N THR A 268 -23.68 6.97 1.82
CA THR A 268 -23.16 7.72 2.96
C THR A 268 -22.24 6.85 3.81
N VAL A 269 -22.56 5.56 3.95
CA VAL A 269 -21.69 4.65 4.70
C VAL A 269 -20.29 4.66 4.11
N ASN A 270 -20.19 4.53 2.79
CA ASN A 270 -18.89 4.44 2.15
C ASN A 270 -18.17 5.78 2.12
N LEU A 271 -18.92 6.88 2.09
CA LEU A 271 -18.27 8.19 2.13
C LEU A 271 -17.52 8.40 3.45
N ILE A 272 -18.16 8.03 4.56
CA ILE A 272 -17.50 8.12 5.86
C ILE A 272 -16.26 7.24 5.90
N ALA A 273 -16.40 6.00 5.43
CA ALA A 273 -15.29 5.06 5.47
C ALA A 273 -14.18 5.47 4.50
N ASN A 274 -14.53 5.72 3.23
CA ASN A 274 -13.53 6.13 2.25
C ASN A 274 -12.80 7.38 2.70
N GLY A 275 -13.51 8.30 3.34
CA GLY A 275 -12.94 9.57 3.73
C GLY A 275 -12.03 9.48 4.94
N MET A 276 -12.42 8.68 5.93
CA MET A 276 -11.54 8.46 7.07
C MET A 276 -10.28 7.71 6.65
N TYR A 277 -10.43 6.75 5.72
CA TYR A 277 -9.26 6.09 5.17
C TYR A 277 -8.34 7.09 4.48
N ALA A 278 -8.91 8.07 3.77
CA ALA A 278 -8.09 9.08 3.10
C ALA A 278 -7.34 9.93 4.12
N LEU A 279 -8.00 10.30 5.22
CA LEU A 279 -7.32 11.11 6.23
C LEU A 279 -6.25 10.31 6.96
N LEU A 280 -6.52 9.04 7.26
CA LEU A 280 -5.59 8.24 8.04
C LEU A 280 -4.41 7.75 7.21
N SER A 281 -4.58 7.64 5.89
CA SER A 281 -3.49 7.25 5.01
C SER A 281 -2.80 8.44 4.36
N HIS A 282 -3.16 9.66 4.78
CA HIS A 282 -2.48 10.88 4.36
C HIS A 282 -2.26 11.71 5.61
N PRO A 283 -1.28 11.33 6.45
CA PRO A 283 -1.16 11.95 7.78
C PRO A 283 -0.91 13.46 7.74
N ASP A 284 -0.26 13.96 6.69
CA ASP A 284 -0.05 15.41 6.59
C ASP A 284 -1.37 16.14 6.49
N GLN A 285 -2.34 15.57 5.77
CA GLN A 285 -3.65 16.21 5.64
C GLN A 285 -4.44 16.11 6.95
N LEU A 286 -4.36 14.97 7.63
CA LEU A 286 -5.01 14.83 8.92
C LEU A 286 -4.50 15.85 9.93
N ALA A 287 -3.18 16.07 9.95
CA ALA A 287 -2.61 17.07 10.84
C ALA A 287 -3.04 18.48 10.44
N ALA A 288 -3.06 18.76 9.14
CA ALA A 288 -3.50 20.08 8.67
C ALA A 288 -4.95 20.34 9.09
N LEU A 289 -5.81 19.34 8.96
CA LEU A 289 -7.19 19.50 9.41
C LEU A 289 -7.26 19.64 10.92
N ARG A 290 -6.48 18.83 11.65
CA ARG A 290 -6.43 18.97 13.11
C ARG A 290 -5.92 20.34 13.51
N ALA A 291 -4.96 20.88 12.76
CA ALA A 291 -4.44 22.21 13.06
C ALA A 291 -5.52 23.28 12.86
N ASP A 292 -6.23 23.21 11.74
CA ASP A 292 -7.28 24.18 11.41
C ASP A 292 -8.55 23.41 11.06
N MET A 293 -9.46 23.29 12.02
CA MET A 293 -10.69 22.55 11.82
C MET A 293 -11.73 23.31 11.01
N THR A 294 -11.42 24.54 10.58
CA THR A 294 -12.32 25.22 9.65
C THR A 294 -12.23 24.65 8.24
N LEU A 295 -11.17 23.89 7.95
CA LEU A 295 -11.03 23.19 6.68
C LEU A 295 -11.84 21.91 6.61
N LEU A 296 -12.71 21.67 7.60
CA LEU A 296 -13.47 20.42 7.65
C LEU A 296 -14.38 20.28 6.42
N ASP A 297 -15.15 21.32 6.11
CA ASP A 297 -16.09 21.24 5.00
C ASP A 297 -15.37 21.04 3.68
N GLY A 298 -14.22 21.70 3.50
CA GLY A 298 -13.42 21.48 2.30
C GLY A 298 -12.79 20.11 2.26
N ALA A 299 -12.44 19.55 3.42
CA ALA A 299 -11.87 18.20 3.46
C ALA A 299 -12.91 17.18 3.04
N VAL A 300 -14.16 17.34 3.50
CA VAL A 300 -15.22 16.41 3.10
C VAL A 300 -15.47 16.52 1.60
N GLU A 301 -15.39 17.73 1.05
CA GLU A 301 -15.55 17.90 -0.39
C GLU A 301 -14.46 17.15 -1.15
N GLU A 302 -13.22 17.24 -0.69
CA GLU A 302 -12.14 16.51 -1.35
C GLU A 302 -12.23 15.01 -1.07
N MET A 303 -12.79 14.63 0.07
CA MET A 303 -13.14 13.23 0.30
C MET A 303 -14.05 12.70 -0.82
N LEU A 304 -15.02 13.51 -1.23
CA LEU A 304 -15.91 13.10 -2.30
C LEU A 304 -15.19 13.09 -3.65
N ARG A 305 -14.27 14.03 -3.86
CA ARG A 305 -13.56 14.10 -5.13
C ARG A 305 -12.49 13.02 -5.23
N TYR A 306 -11.80 12.73 -4.12
CA TYR A 306 -10.69 11.79 -4.14
C TYR A 306 -11.17 10.34 -4.20
N GLU A 307 -12.07 9.97 -3.28
CA GLU A 307 -12.55 8.60 -3.17
C GLU A 307 -14.05 8.61 -2.86
N GLY A 308 -14.84 9.16 -3.77
CA GLY A 308 -16.27 9.19 -3.63
C GLY A 308 -16.88 7.80 -3.69
N PRO A 309 -17.95 7.57 -2.94
CA PRO A 309 -18.53 6.22 -2.86
C PRO A 309 -19.09 5.71 -4.18
N VAL A 310 -19.47 6.60 -5.10
CA VAL A 310 -20.05 6.20 -6.38
C VAL A 310 -18.93 6.15 -7.42
N GLU A 311 -18.53 4.94 -7.80
CA GLU A 311 -17.52 4.78 -8.84
C GLU A 311 -18.10 5.11 -10.22
N SER A 312 -19.32 4.66 -10.48
CA SER A 312 -20.01 4.93 -11.74
C SER A 312 -21.47 5.21 -11.47
N ALA A 313 -22.03 6.18 -12.18
CA ALA A 313 -23.43 6.52 -12.00
C ALA A 313 -24.33 5.37 -12.45
N THR A 314 -25.58 5.43 -12.01
CA THR A 314 -26.52 4.35 -12.30
C THR A 314 -26.84 4.30 -13.78
N TYR A 315 -27.51 3.21 -14.18
CA TYR A 315 -27.63 2.87 -15.59
C TYR A 315 -28.35 3.94 -16.38
N ARG A 316 -27.83 4.24 -17.57
CA ARG A 316 -28.43 5.19 -18.49
C ARG A 316 -28.59 4.52 -19.85
N PHE A 317 -29.67 4.88 -20.55
CA PHE A 317 -30.02 4.25 -21.82
C PHE A 317 -30.25 5.32 -22.87
N PRO A 318 -29.51 5.32 -23.97
CA PRO A 318 -29.79 6.28 -25.05
C PRO A 318 -31.12 5.95 -25.74
N VAL A 319 -31.95 6.98 -25.90
CA VAL A 319 -33.22 6.81 -26.60
C VAL A 319 -33.00 6.70 -28.11
N GLU A 320 -31.83 7.09 -28.58
CA GLU A 320 -31.45 7.00 -29.98
C GLU A 320 -29.95 6.78 -30.03
N PRO A 321 -29.41 6.30 -31.15
CA PRO A 321 -27.95 6.15 -31.26
C PRO A 321 -27.24 7.48 -31.01
N VAL A 322 -26.27 7.46 -30.11
CA VAL A 322 -25.53 8.65 -29.71
C VAL A 322 -24.09 8.49 -30.17
N ASP A 323 -23.59 9.48 -30.91
CA ASP A 323 -22.22 9.47 -31.41
C ASP A 323 -21.32 10.23 -30.44
N LEU A 324 -20.29 9.55 -29.94
CA LEU A 324 -19.33 10.11 -28.99
C LEU A 324 -17.94 9.98 -29.59
N ASP A 325 -17.50 11.03 -30.30
CA ASP A 325 -16.18 11.07 -30.94
C ASP A 325 -15.96 9.86 -31.85
N GLY A 326 -16.88 9.69 -32.80
CA GLY A 326 -16.84 8.60 -33.73
C GLY A 326 -17.36 7.28 -33.21
N THR A 327 -17.48 7.13 -31.89
CA THR A 327 -18.06 5.93 -31.29
C THR A 327 -19.56 6.15 -31.14
N VAL A 328 -20.36 5.25 -31.71
CA VAL A 328 -21.81 5.34 -31.69
C VAL A 328 -22.35 4.30 -30.73
N ILE A 329 -22.99 4.76 -29.66
CA ILE A 329 -23.63 3.88 -28.69
C ILE A 329 -25.07 3.65 -29.18
N PRO A 330 -25.47 2.40 -29.42
CA PRO A 330 -26.81 2.16 -29.97
C PRO A 330 -27.90 2.39 -28.94
N ALA A 331 -29.09 2.69 -29.44
CA ALA A 331 -30.23 2.93 -28.57
C ALA A 331 -30.53 1.71 -27.72
N GLY A 332 -30.82 1.93 -26.44
CA GLY A 332 -31.16 0.86 -25.53
C GLY A 332 -29.99 0.22 -24.81
N ASP A 333 -28.76 0.54 -25.18
CA ASP A 333 -27.61 -0.04 -24.51
C ASP A 333 -27.42 0.58 -23.13
N THR A 334 -26.69 -0.13 -22.28
CA THR A 334 -26.44 0.31 -20.92
C THR A 334 -25.18 1.16 -20.89
N VAL A 335 -25.30 2.40 -20.40
CA VAL A 335 -24.21 3.36 -20.38
C VAL A 335 -23.88 3.68 -18.93
N LEU A 336 -22.60 3.56 -18.58
CA LEU A 336 -22.11 3.83 -17.23
C LEU A 336 -21.18 5.04 -17.27
N VAL A 337 -21.53 6.09 -16.53
CA VAL A 337 -20.70 7.28 -16.43
C VAL A 337 -19.73 7.08 -15.28
N VAL A 338 -18.45 6.89 -15.60
CA VAL A 338 -17.44 6.62 -14.58
C VAL A 338 -17.07 7.93 -13.88
N LEU A 339 -17.75 8.21 -12.77
CA LEU A 339 -17.43 9.42 -12.00
C LEU A 339 -16.02 9.39 -11.46
N ALA A 340 -15.52 8.20 -11.10
CA ALA A 340 -14.19 8.09 -10.53
C ALA A 340 -13.12 8.58 -11.51
N ASP A 341 -13.28 8.26 -12.79
CA ASP A 341 -12.33 8.73 -13.79
C ASP A 341 -12.47 10.23 -14.03
N ALA A 342 -13.69 10.77 -13.92
CA ALA A 342 -13.88 12.20 -14.09
C ALA A 342 -13.14 13.00 -13.02
N HIS A 343 -12.97 12.42 -11.84
CA HIS A 343 -12.27 13.07 -10.75
C HIS A 343 -10.76 12.88 -10.81
N ARG A 344 -10.27 12.03 -11.70
CA ARG A 344 -8.84 11.87 -11.93
C ARG A 344 -8.42 12.39 -13.29
N THR A 345 -9.25 13.20 -13.93
CA THR A 345 -8.87 13.87 -15.17
C THR A 345 -8.01 15.08 -14.83
N PRO A 346 -6.75 15.15 -15.30
CA PRO A 346 -5.85 16.19 -14.82
C PRO A 346 -6.21 17.58 -15.31
N GLU A 347 -6.82 17.70 -16.48
CA GLU A 347 -7.18 19.01 -17.01
C GLU A 347 -8.23 19.71 -16.15
N ARG A 348 -9.03 18.97 -15.40
CA ARG A 348 -10.04 19.52 -14.51
C ARG A 348 -9.58 19.62 -13.07
N PHE A 349 -8.91 18.58 -12.57
CA PHE A 349 -8.35 18.56 -11.22
C PHE A 349 -6.84 18.35 -11.32
N PRO A 350 -6.04 19.41 -11.24
CA PRO A 350 -4.58 19.24 -11.37
C PRO A 350 -4.02 18.44 -10.20
N ASP A 351 -2.99 17.65 -10.51
CA ASP A 351 -2.46 16.65 -9.60
C ASP A 351 -3.59 15.76 -9.08
N PRO A 352 -4.25 14.99 -9.97
CA PRO A 352 -5.50 14.32 -9.56
C PRO A 352 -5.32 13.30 -8.45
N HIS A 353 -4.23 12.54 -8.47
CA HIS A 353 -4.03 11.47 -7.50
C HIS A 353 -3.62 11.98 -6.12
N ARG A 354 -3.46 13.29 -5.95
CA ARG A 354 -3.09 13.86 -4.66
C ARG A 354 -4.35 14.20 -3.85
N PHE A 355 -4.38 13.76 -2.61
CA PHE A 355 -5.47 14.07 -1.68
C PHE A 355 -5.10 15.35 -0.95
N ASP A 356 -5.71 16.47 -1.37
CA ASP A 356 -5.41 17.79 -0.85
C ASP A 356 -6.72 18.40 -0.33
N ILE A 357 -6.84 18.56 0.99
CA ILE A 357 -8.07 19.07 1.57
C ILE A 357 -8.27 20.55 1.29
N ARG A 358 -7.24 21.26 0.84
CA ARG A 358 -7.37 22.66 0.44
C ARG A 358 -7.64 22.83 -1.04
N ARG A 359 -7.85 21.72 -1.76
CA ARG A 359 -8.01 21.77 -3.21
C ARG A 359 -9.33 22.42 -3.60
N ASP A 360 -9.32 23.08 -4.76
CA ASP A 360 -10.55 23.56 -5.38
C ASP A 360 -11.34 22.35 -5.87
N THR A 361 -12.40 22.00 -5.14
CA THR A 361 -13.23 20.85 -5.47
C THR A 361 -14.50 21.21 -6.21
N ALA A 362 -14.66 22.48 -6.58
CA ALA A 362 -15.89 22.93 -7.24
C ALA A 362 -16.09 22.20 -8.56
N GLY A 363 -17.28 21.65 -8.75
CA GLY A 363 -17.62 20.99 -9.98
C GLY A 363 -17.42 19.49 -10.01
N HIS A 364 -17.22 18.85 -8.85
CA HIS A 364 -17.10 17.41 -8.85
C HIS A 364 -18.48 16.77 -9.03
N LEU A 365 -18.46 15.51 -9.51
CA LEU A 365 -19.68 14.80 -9.84
C LEU A 365 -20.03 13.72 -8.83
N ALA A 366 -19.55 13.86 -7.59
CA ALA A 366 -19.82 12.84 -6.58
C ALA A 366 -21.31 12.68 -6.32
N PHE A 367 -22.05 13.78 -6.34
CA PHE A 367 -23.50 13.75 -6.17
C PHE A 367 -24.25 13.75 -7.50
N GLY A 368 -23.57 13.54 -8.60
CA GLY A 368 -24.20 13.59 -9.90
C GLY A 368 -24.22 14.99 -10.47
N HIS A 369 -25.09 15.18 -11.46
CA HIS A 369 -25.24 16.45 -12.14
C HIS A 369 -26.49 16.38 -13.01
N GLY A 370 -27.28 17.44 -12.97
CA GLY A 370 -28.49 17.51 -13.77
C GLY A 370 -29.75 17.38 -12.95
N ILE A 371 -30.81 16.85 -13.59
CA ILE A 371 -32.08 16.72 -12.90
C ILE A 371 -32.05 15.64 -11.83
N HIS A 372 -31.08 14.73 -11.89
CA HIS A 372 -30.95 13.66 -10.92
C HIS A 372 -29.90 13.95 -9.84
N PHE A 373 -29.44 15.19 -9.73
CA PHE A 373 -28.49 15.57 -8.69
C PHE A 373 -29.03 15.14 -7.34
N CYS A 374 -28.16 14.51 -6.53
CA CYS A 374 -28.57 13.84 -5.31
C CYS A 374 -29.43 14.72 -4.42
N ILE A 375 -30.66 14.27 -4.17
CA ILE A 375 -31.56 14.99 -3.28
C ILE A 375 -31.09 14.93 -1.84
N GLY A 376 -30.23 13.97 -1.51
CA GLY A 376 -29.72 13.78 -0.17
C GLY A 376 -28.39 14.43 0.13
N ALA A 377 -27.85 15.21 -0.81
CA ALA A 377 -26.54 15.84 -0.62
C ALA A 377 -26.46 16.70 0.65
N PRO A 378 -27.43 17.55 0.97
CA PRO A 378 -27.32 18.29 2.25
C PRO A 378 -27.33 17.38 3.46
N LEU A 379 -28.11 16.30 3.44
CA LEU A 379 -28.14 15.40 4.58
C LEU A 379 -26.86 14.59 4.69
N ALA A 380 -26.30 14.17 3.55
CA ALA A 380 -25.06 13.41 3.57
C ALA A 380 -23.90 14.27 4.06
N ARG A 381 -23.83 15.51 3.60
CA ARG A 381 -22.77 16.41 4.05
C ARG A 381 -22.89 16.66 5.55
N LEU A 382 -24.12 16.84 6.05
CA LEU A 382 -24.31 17.02 7.48
C LEU A 382 -23.84 15.80 8.27
N GLU A 383 -24.17 14.60 7.80
CA GLU A 383 -23.76 13.39 8.49
C GLU A 383 -22.25 13.21 8.44
N ALA A 384 -21.64 13.46 7.28
CA ALA A 384 -20.21 13.26 7.15
C ALA A 384 -19.42 14.31 7.92
N ARG A 385 -19.89 15.56 7.90
CA ARG A 385 -19.18 16.63 8.61
C ARG A 385 -19.18 16.39 10.11
N ILE A 386 -20.32 15.97 10.67
CA ILE A 386 -20.41 15.74 12.10
C ILE A 386 -19.61 14.51 12.50
N ALA A 387 -19.64 13.47 11.67
CA ALA A 387 -18.92 12.24 12.00
C ALA A 387 -17.41 12.45 11.97
N VAL A 388 -16.90 13.12 10.93
CA VAL A 388 -15.47 13.35 10.82
C VAL A 388 -14.99 14.26 11.95
N ARG A 389 -15.79 15.29 12.27
CA ARG A 389 -15.41 16.22 13.34
C ARG A 389 -15.34 15.51 14.68
N ALA A 390 -16.34 14.70 14.99
CA ALA A 390 -16.39 14.02 16.29
C ALA A 390 -15.23 13.04 16.45
N LEU A 391 -14.86 12.35 15.37
CA LEU A 391 -13.75 11.41 15.44
C LEU A 391 -12.45 12.13 15.75
N LEU A 392 -12.19 13.24 15.06
CA LEU A 392 -10.92 13.94 15.24
C LEU A 392 -10.87 14.68 16.56
N GLU A 393 -11.95 15.38 16.91
CA GLU A 393 -11.95 16.18 18.13
C GLU A 393 -11.84 15.32 19.38
N ARG A 394 -12.38 14.09 19.34
CA ARG A 394 -12.37 13.22 20.50
C ARG A 394 -11.12 12.35 20.57
N CYS A 395 -10.62 11.88 19.43
CA CYS A 395 -9.53 10.91 19.37
C CYS A 395 -8.33 11.49 18.64
N PRO A 396 -7.46 12.23 19.32
CA PRO A 396 -6.11 12.42 18.82
C PRO A 396 -5.36 11.09 18.87
N ASP A 397 -4.29 11.01 18.09
CA ASP A 397 -3.51 9.78 17.92
C ASP A 397 -4.35 8.65 17.34
N LEU A 398 -5.46 8.99 16.68
CA LEU A 398 -6.20 8.00 15.91
C LEU A 398 -5.38 7.57 14.70
N ALA A 399 -5.44 6.28 14.37
CA ALA A 399 -4.54 5.75 13.35
C ALA A 399 -5.16 4.56 12.65
N LEU A 400 -4.76 4.37 11.40
CA LEU A 400 -5.13 3.18 10.63
C LEU A 400 -4.42 1.95 11.20
N ASP A 401 -5.19 0.90 11.46
CA ASP A 401 -4.67 -0.28 12.15
C ASP A 401 -4.20 -1.38 11.20
N VAL A 402 -4.18 -1.11 9.90
CA VAL A 402 -3.56 -2.00 8.92
C VAL A 402 -2.84 -1.15 7.88
N SER A 403 -2.08 -1.81 7.04
CA SER A 403 -1.47 -1.10 5.92
C SER A 403 -2.51 -0.93 4.82
N PRO A 404 -2.42 0.18 4.05
CA PRO A 404 -3.38 0.38 2.95
C PRO A 404 -3.46 -0.80 1.98
N GLY A 405 -2.36 -1.53 1.80
CA GLY A 405 -2.40 -2.71 0.96
C GLY A 405 -3.18 -3.87 1.56
N GLU A 406 -3.43 -3.83 2.86
CA GLU A 406 -4.19 -4.89 3.51
C GLU A 406 -5.69 -4.69 3.41
N LEU A 407 -6.15 -3.49 3.08
CA LEU A 407 -7.58 -3.24 2.95
C LEU A 407 -8.14 -3.93 1.72
N VAL A 408 -9.41 -4.32 1.82
CA VAL A 408 -10.09 -5.06 0.75
C VAL A 408 -11.19 -4.17 0.19
N TRP A 409 -11.15 -3.93 -1.11
CA TRP A 409 -12.13 -3.12 -1.80
C TRP A 409 -13.15 -4.03 -2.49
N TYR A 410 -14.40 -3.58 -2.51
CA TYR A 410 -15.45 -4.38 -3.12
C TYR A 410 -15.30 -4.39 -4.64
N PRO A 411 -15.43 -5.54 -5.30
CA PRO A 411 -15.17 -5.61 -6.75
C PRO A 411 -16.28 -4.98 -7.58
N ASN A 412 -17.23 -4.31 -6.94
CA ASN A 412 -18.31 -3.66 -7.66
C ASN A 412 -17.78 -2.47 -8.42
N PRO A 413 -17.91 -2.42 -9.75
CA PRO A 413 -17.45 -1.24 -10.50
C PRO A 413 -18.33 -0.01 -10.30
N MET A 414 -19.49 -0.16 -9.67
CA MET A 414 -20.35 0.98 -9.38
C MET A 414 -20.07 1.61 -8.02
N ILE A 415 -19.55 0.82 -7.08
CA ILE A 415 -19.38 1.25 -5.69
C ILE A 415 -17.90 1.19 -5.34
N ARG A 416 -17.38 2.28 -4.78
CA ARG A 416 -16.04 2.31 -4.19
C ARG A 416 -16.22 2.24 -2.68
N GLY A 417 -16.09 1.04 -2.13
CA GLY A 417 -16.33 0.84 -0.72
C GLY A 417 -15.45 -0.27 -0.16
N LEU A 418 -15.14 -0.15 1.12
CA LEU A 418 -14.28 -1.10 1.80
C LEU A 418 -15.09 -2.17 2.51
N LYS A 419 -14.47 -3.35 2.67
CA LYS A 419 -15.07 -4.38 3.51
C LYS A 419 -15.05 -3.97 4.97
N ALA A 420 -13.91 -3.45 5.44
CA ALA A 420 -13.76 -2.97 6.80
C ALA A 420 -12.66 -1.91 6.83
N LEU A 421 -12.64 -1.15 7.92
CA LEU A 421 -11.64 -0.10 8.14
C LEU A 421 -11.13 -0.20 9.56
N PRO A 422 -10.15 -1.05 9.81
CA PRO A 422 -9.61 -1.18 11.18
C PRO A 422 -8.86 0.07 11.60
N ILE A 423 -9.09 0.49 12.84
CA ILE A 423 -8.47 1.68 13.40
C ILE A 423 -8.02 1.38 14.83
N ARG A 424 -7.28 2.32 15.40
CA ARG A 424 -6.83 2.25 16.78
C ARG A 424 -6.60 3.67 17.29
N TRP A 425 -6.52 3.82 18.61
CA TRP A 425 -6.43 5.14 19.20
C TRP A 425 -5.69 5.07 20.52
N ARG A 426 -5.41 6.24 21.09
CA ARG A 426 -4.78 6.39 22.40
C ARG A 426 -3.45 5.65 22.48
N PRO B 33 11.84 -34.18 -3.16
CA PRO B 33 11.54 -33.14 -2.15
C PRO B 33 12.43 -31.91 -2.31
N VAL B 34 12.97 -31.70 -3.51
CA VAL B 34 13.82 -30.55 -3.81
C VAL B 34 12.93 -29.44 -4.36
N LEU B 35 12.66 -28.44 -3.54
CA LEU B 35 11.77 -27.35 -3.91
C LEU B 35 12.49 -26.36 -4.84
N ASP B 36 11.85 -26.04 -5.95
CA ASP B 36 12.43 -25.17 -6.97
C ASP B 36 11.95 -23.75 -6.74
N LEU B 37 12.86 -22.86 -6.35
CA LEU B 37 12.50 -21.47 -6.16
C LEU B 37 12.34 -20.72 -7.48
N GLY B 38 13.01 -21.19 -8.54
CA GLY B 38 12.89 -20.51 -9.82
C GLY B 38 11.53 -20.70 -10.45
N ALA B 39 10.83 -21.75 -10.06
CA ALA B 39 9.51 -22.04 -10.59
C ALA B 39 8.42 -21.24 -9.90
N LEU B 40 8.78 -20.31 -9.00
CA LEU B 40 7.79 -19.53 -8.27
C LEU B 40 7.63 -18.12 -8.81
N GLY B 41 8.45 -17.71 -9.77
CA GLY B 41 8.29 -16.42 -10.43
C GLY B 41 8.55 -15.23 -9.50
N GLN B 42 8.17 -14.05 -10.02
CA GLN B 42 8.34 -12.81 -9.28
C GLN B 42 7.54 -12.80 -7.98
N ASP B 43 6.49 -13.61 -7.89
CA ASP B 43 5.71 -13.69 -6.67
C ASP B 43 6.58 -14.07 -5.47
N PHE B 44 7.53 -14.99 -5.67
CA PHE B 44 8.46 -15.32 -4.59
C PHE B 44 9.42 -14.17 -4.32
N ALA B 45 9.86 -13.47 -5.36
CA ALA B 45 10.76 -12.34 -5.16
C ALA B 45 10.07 -11.22 -4.39
N ALA B 46 8.79 -10.96 -4.70
CA ALA B 46 8.07 -9.89 -4.03
C ALA B 46 7.59 -10.31 -2.63
N ASP B 47 7.14 -11.56 -2.49
CA ASP B 47 6.62 -12.05 -1.22
C ASP B 47 7.16 -13.45 -0.96
N PRO B 48 8.40 -13.54 -0.45
CA PRO B 48 8.96 -14.87 -0.15
C PRO B 48 8.56 -15.43 1.20
N TYR B 49 8.05 -14.58 2.10
CA TYR B 49 7.79 -15.02 3.47
C TYR B 49 6.78 -16.18 3.57
N PRO B 50 5.67 -16.21 2.83
CA PRO B 50 4.78 -17.38 2.90
C PRO B 50 5.47 -18.69 2.54
N THR B 51 6.41 -18.66 1.59
CA THR B 51 7.17 -19.86 1.25
C THR B 51 8.02 -20.32 2.42
N TYR B 52 8.76 -19.39 3.03
CA TYR B 52 9.63 -19.75 4.15
C TYR B 52 8.84 -20.26 5.33
N ALA B 53 7.67 -19.66 5.60
CA ALA B 53 6.86 -20.08 6.74
C ALA B 53 6.34 -21.49 6.57
N ARG B 54 5.99 -21.87 5.33
CA ARG B 54 5.57 -23.24 5.08
C ARG B 54 6.71 -24.22 5.35
N LEU B 55 7.92 -23.88 4.91
CA LEU B 55 9.07 -24.73 5.18
C LEU B 55 9.36 -24.82 6.68
N ARG B 56 9.27 -23.69 7.39
CA ARG B 56 9.54 -23.69 8.83
C ARG B 56 8.56 -24.59 9.57
N ALA B 57 7.32 -24.69 9.08
CA ALA B 57 6.35 -25.58 9.72
C ALA B 57 6.75 -27.04 9.58
N GLU B 58 7.44 -27.39 8.50
CA GLU B 58 7.82 -28.78 8.25
C GLU B 58 9.13 -29.17 8.92
N GLY B 59 10.05 -28.22 9.09
CA GLY B 59 11.33 -28.50 9.69
C GLY B 59 12.28 -27.34 9.61
N PRO B 60 13.48 -27.49 10.20
CA PRO B 60 14.43 -26.37 10.23
C PRO B 60 15.30 -26.24 8.98
N ALA B 61 15.52 -27.35 8.27
CA ALA B 61 16.43 -27.36 7.12
C ALA B 61 15.75 -28.01 5.93
N HIS B 62 15.92 -27.39 4.76
CA HIS B 62 15.26 -27.85 3.54
C HIS B 62 16.19 -27.65 2.35
N ARG B 63 16.33 -28.69 1.53
CA ARG B 63 17.10 -28.60 0.29
C ARG B 63 16.24 -27.96 -0.79
N VAL B 64 16.71 -26.84 -1.34
CA VAL B 64 15.98 -26.11 -2.37
C VAL B 64 16.91 -25.86 -3.54
N ARG B 65 16.33 -25.36 -4.63
CA ARG B 65 17.06 -24.91 -5.80
C ARG B 65 16.82 -23.42 -5.98
N THR B 66 17.88 -22.63 -5.96
CA THR B 66 17.76 -21.19 -6.12
C THR B 66 17.25 -20.85 -7.51
N PRO B 67 16.69 -19.65 -7.70
CA PRO B 67 16.30 -19.22 -9.05
C PRO B 67 17.43 -19.29 -10.05
N GLU B 68 18.67 -19.07 -9.60
CA GLU B 68 19.83 -19.14 -10.49
C GLU B 68 20.23 -20.57 -10.83
N GLY B 69 19.69 -21.57 -10.14
CA GLY B 69 19.94 -22.97 -10.47
C GLY B 69 20.73 -23.76 -9.44
N ASP B 70 21.33 -23.11 -8.43
CA ASP B 70 22.14 -23.83 -7.47
C ASP B 70 21.27 -24.54 -6.43
N GLU B 71 21.74 -25.71 -6.00
CA GLU B 71 21.07 -26.48 -4.95
C GLU B 71 21.72 -26.16 -3.61
N VAL B 72 20.95 -25.56 -2.70
CA VAL B 72 21.44 -25.15 -1.39
C VAL B 72 20.46 -25.61 -0.33
N TRP B 73 20.90 -25.53 0.92
CA TRP B 73 20.05 -25.77 2.08
C TRP B 73 19.56 -24.43 2.63
N LEU B 74 18.30 -24.40 3.07
CA LEU B 74 17.73 -23.24 3.73
C LEU B 74 17.49 -23.57 5.20
N VAL B 75 18.02 -22.73 6.09
CA VAL B 75 17.77 -22.83 7.52
C VAL B 75 16.71 -21.82 7.88
N VAL B 76 15.59 -22.28 8.44
CA VAL B 76 14.45 -21.45 8.73
C VAL B 76 14.12 -21.55 10.22
N GLY B 77 13.37 -20.57 10.70
CA GLY B 77 13.04 -20.50 12.12
C GLY B 77 14.07 -19.69 12.89
N TYR B 78 13.59 -18.79 13.75
CA TYR B 78 14.49 -17.84 14.40
C TYR B 78 15.55 -18.55 15.23
N ASP B 79 15.13 -19.44 16.13
CA ASP B 79 16.07 -20.06 17.06
C ASP B 79 17.14 -20.84 16.32
N ARG B 80 16.74 -21.65 15.33
CA ARG B 80 17.71 -22.40 14.55
C ARG B 80 18.62 -21.48 13.74
N ALA B 81 18.05 -20.43 13.16
CA ALA B 81 18.84 -19.51 12.35
C ALA B 81 19.92 -18.82 13.18
N ARG B 82 19.54 -18.30 14.36
CA ARG B 82 20.51 -17.61 15.21
C ARG B 82 21.61 -18.57 15.68
N ALA B 83 21.25 -19.84 15.93
CA ALA B 83 22.24 -20.81 16.38
C ALA B 83 23.20 -21.20 15.27
N VAL B 84 22.68 -21.40 14.05
CA VAL B 84 23.53 -21.81 12.93
C VAL B 84 24.49 -20.70 12.54
N LEU B 85 24.07 -19.43 12.67
CA LEU B 85 24.93 -18.31 12.30
C LEU B 85 26.25 -18.33 13.07
N ALA B 86 26.21 -18.76 14.34
CA ALA B 86 27.39 -18.73 15.20
C ALA B 86 27.90 -20.13 15.52
N ASP B 87 27.48 -21.15 14.78
CA ASP B 87 27.88 -22.52 15.07
C ASP B 87 29.18 -22.83 14.33
N PRO B 88 30.27 -23.13 15.04
CA PRO B 88 31.54 -23.40 14.34
C PRO B 88 31.51 -24.64 13.45
N ARG B 89 30.52 -25.51 13.59
CA ARG B 89 30.40 -26.65 12.69
C ARG B 89 30.11 -26.22 11.26
N PHE B 90 29.55 -25.03 11.07
CA PHE B 90 29.28 -24.47 9.74
C PHE B 90 30.40 -23.49 9.42
N SER B 91 31.28 -23.87 8.50
CA SER B 91 32.44 -23.07 8.15
C SER B 91 32.09 -22.07 7.07
N LYS B 92 32.87 -20.98 7.04
CA LYS B 92 32.79 -19.99 5.96
C LYS B 92 33.97 -20.09 5.01
N ASP B 93 34.97 -20.91 5.31
CA ASP B 93 36.09 -21.14 4.41
C ASP B 93 35.68 -22.11 3.31
N TRP B 94 35.89 -21.70 2.05
CA TRP B 94 35.48 -22.51 0.92
C TRP B 94 36.30 -23.79 0.77
N ARG B 95 37.39 -23.94 1.53
CA ARG B 95 38.10 -25.22 1.55
C ARG B 95 37.23 -26.33 2.13
N ASN B 96 36.20 -25.98 2.90
CA ASN B 96 35.24 -26.95 3.42
C ASN B 96 34.01 -27.08 2.55
N SER B 97 34.00 -26.44 1.38
CA SER B 97 32.90 -26.55 0.44
C SER B 97 33.27 -27.50 -0.69
N THR B 98 32.30 -28.28 -1.15
CA THR B 98 32.49 -29.14 -2.31
C THR B 98 32.24 -28.41 -3.62
N THR B 99 31.67 -27.20 -3.57
CA THR B 99 31.49 -26.39 -4.76
C THR B 99 32.75 -25.59 -5.02
N PRO B 100 33.44 -25.80 -6.13
CA PRO B 100 34.69 -25.08 -6.38
C PRO B 100 34.43 -23.67 -6.87
N LEU B 101 35.42 -22.81 -6.65
CA LEU B 101 35.35 -21.41 -7.03
C LEU B 101 35.93 -21.21 -8.43
N THR B 102 35.39 -20.23 -9.14
CA THR B 102 35.97 -19.83 -10.41
C THR B 102 37.28 -19.09 -10.18
N GLU B 103 37.95 -18.73 -11.28
CA GLU B 103 39.20 -17.98 -11.17
C GLU B 103 38.96 -16.59 -10.63
N ALA B 104 37.94 -15.90 -11.13
CA ALA B 104 37.64 -14.55 -10.67
C ALA B 104 37.14 -14.55 -9.23
N GLU B 105 36.42 -15.60 -8.81
CA GLU B 105 35.91 -15.66 -7.45
C GLU B 105 37.04 -15.88 -6.44
N ALA B 106 38.00 -16.75 -6.77
CA ALA B 106 39.07 -17.06 -5.84
C ALA B 106 39.99 -15.86 -5.62
N ALA B 107 40.12 -14.99 -6.63
CA ALA B 107 40.99 -13.83 -6.49
C ALA B 107 40.49 -12.88 -5.41
N LEU B 108 39.19 -12.88 -5.13
CA LEU B 108 38.59 -12.03 -4.11
C LEU B 108 38.22 -12.81 -2.85
N ASN B 109 38.57 -14.09 -2.77
CA ASN B 109 38.07 -14.96 -1.73
C ASN B 109 38.80 -14.83 -0.40
N HIS B 110 40.01 -14.24 -0.40
CA HIS B 110 40.82 -14.18 0.82
C HIS B 110 40.42 -12.95 1.64
N ASN B 111 39.22 -13.02 2.22
CA ASN B 111 38.70 -11.95 3.06
C ASN B 111 38.09 -12.55 4.32
N MET B 112 37.73 -11.67 5.26
CA MET B 112 37.32 -12.11 6.59
C MET B 112 35.95 -12.78 6.58
N LEU B 113 35.06 -12.37 5.66
CA LEU B 113 33.74 -13.00 5.61
C LEU B 113 33.82 -14.45 5.17
N GLU B 114 34.84 -14.81 4.41
CA GLU B 114 34.95 -16.17 3.88
C GLU B 114 36.14 -16.87 4.53
N SER B 115 36.24 -16.75 5.84
CA SER B 115 37.30 -17.39 6.61
C SER B 115 36.74 -17.87 7.94
N ASP B 116 37.47 -18.79 8.56
CA ASP B 116 37.26 -19.24 9.92
C ASP B 116 38.45 -18.85 10.77
N PRO B 117 38.34 -18.94 12.09
CA PRO B 117 39.52 -18.82 12.94
C PRO B 117 40.55 -19.87 12.55
N PRO B 118 41.84 -19.53 12.62
CA PRO B 118 42.37 -18.26 13.11
C PRO B 118 42.49 -17.14 12.07
N ARG B 119 42.31 -17.45 10.77
CA ARG B 119 42.52 -16.42 9.75
C ARG B 119 41.50 -15.29 9.89
N HIS B 120 40.24 -15.63 10.18
CA HIS B 120 39.24 -14.60 10.39
C HIS B 120 39.62 -13.72 11.58
N THR B 121 40.16 -14.32 12.64
CA THR B 121 40.60 -13.55 13.79
C THR B 121 41.67 -12.55 13.40
N ARG B 122 42.65 -12.98 12.59
CA ARG B 122 43.75 -12.11 12.21
C ARG B 122 43.29 -10.99 11.29
N LEU B 123 42.45 -11.30 10.31
CA LEU B 123 42.05 -10.30 9.32
C LEU B 123 41.17 -9.23 9.95
N ARG B 124 40.22 -9.62 10.81
CA ARG B 124 39.32 -8.65 11.41
C ARG B 124 40.03 -7.75 12.41
N LYS B 125 41.08 -8.27 13.06
CA LYS B 125 41.83 -7.44 14.01
C LYS B 125 42.49 -6.26 13.32
N LEU B 126 42.74 -6.35 12.01
CA LEU B 126 43.47 -5.30 11.32
C LEU B 126 42.63 -4.04 11.14
N VAL B 127 41.30 -4.17 11.13
CA VAL B 127 40.43 -3.05 10.82
C VAL B 127 39.35 -2.83 11.88
N ALA B 128 39.37 -3.56 12.98
CA ALA B 128 38.29 -3.47 13.96
C ALA B 128 38.20 -2.08 14.56
N ARG B 129 39.34 -1.45 14.86
CA ARG B 129 39.32 -0.13 15.48
C ARG B 129 38.84 0.96 14.54
N GLU B 130 38.74 0.69 13.24
CA GLU B 130 38.24 1.68 12.30
C GLU B 130 36.72 1.78 12.29
N PHE B 131 36.02 0.81 12.88
CA PHE B 131 34.57 0.72 12.75
C PHE B 131 33.85 0.65 14.09
N THR B 132 34.53 1.00 15.18
CA THR B 132 33.85 1.08 16.46
C THR B 132 32.86 2.25 16.45
N MET B 133 31.98 2.26 17.45
CA MET B 133 30.97 3.31 17.53
C MET B 133 31.62 4.68 17.75
N ARG B 134 32.66 4.74 18.59
CA ARG B 134 33.29 6.03 18.89
C ARG B 134 34.05 6.58 17.69
N ARG B 135 34.60 5.71 16.83
CA ARG B 135 35.28 6.18 15.64
C ARG B 135 34.29 6.53 14.54
N VAL B 136 33.22 5.75 14.40
CA VAL B 136 32.18 6.06 13.43
C VAL B 136 31.54 7.40 13.74
N GLU B 137 31.35 7.69 15.03
CA GLU B 137 30.73 8.96 15.42
C GLU B 137 31.55 10.16 14.96
N LEU B 138 32.86 9.97 14.75
CA LEU B 138 33.69 11.05 14.24
C LEU B 138 33.38 11.36 12.78
N LEU B 139 32.67 10.46 12.09
CA LEU B 139 32.25 10.68 10.72
C LEU B 139 30.85 11.29 10.62
N ARG B 140 30.20 11.57 11.75
CA ARG B 140 28.85 12.12 11.71
C ARG B 140 28.75 13.42 10.93
N PRO B 141 29.60 14.44 11.14
CA PRO B 141 29.45 15.67 10.35
C PRO B 141 29.63 15.46 8.85
N ARG B 142 30.57 14.61 8.45
CA ARG B 142 30.75 14.35 7.03
C ARG B 142 29.57 13.59 6.45
N VAL B 143 29.04 12.61 7.19
CA VAL B 143 27.87 11.88 6.73
C VAL B 143 26.66 12.80 6.64
N GLN B 144 26.48 13.68 7.64
CA GLN B 144 25.41 14.66 7.58
C GLN B 144 25.60 15.60 6.40
N GLU B 145 26.84 15.99 6.12
CA GLU B 145 27.11 16.89 5.00
C GLU B 145 26.82 16.20 3.66
N ILE B 146 27.20 14.93 3.52
CA ILE B 146 26.89 14.20 2.30
C ILE B 146 25.37 14.05 2.14
N VAL B 147 24.68 13.73 3.23
CA VAL B 147 23.23 13.58 3.16
C VAL B 147 22.57 14.90 2.80
N ASP B 148 22.86 15.97 3.57
CA ASP B 148 22.26 17.27 3.33
C ASP B 148 22.47 17.72 1.88
N GLY B 149 23.66 17.47 1.33
CA GLY B 149 23.91 17.85 -0.04
C GLY B 149 23.12 17.02 -1.04
N LEU B 150 23.05 15.71 -0.81
CA LEU B 150 22.29 14.84 -1.72
C LEU B 150 20.81 15.15 -1.68
N VAL B 151 20.26 15.39 -0.48
CA VAL B 151 18.86 15.80 -0.37
C VAL B 151 18.64 17.12 -1.11
N ASP B 152 19.47 18.13 -0.79
CA ASP B 152 19.42 19.43 -1.46
C ASP B 152 19.30 19.29 -2.97
N ALA B 153 20.17 18.47 -3.57
CA ALA B 153 20.11 18.28 -5.02
C ALA B 153 18.82 17.60 -5.44
N MET B 154 18.30 16.70 -4.60
CA MET B 154 17.07 15.99 -4.95
C MET B 154 15.87 16.94 -4.98
N LEU B 155 15.81 17.88 -4.03
CA LEU B 155 14.72 18.86 -4.05
C LEU B 155 14.76 19.75 -5.27
N ALA B 156 15.92 19.87 -5.93
CA ALA B 156 16.05 20.77 -7.07
C ALA B 156 15.25 20.31 -8.29
N ALA B 157 14.65 19.12 -8.25
CA ALA B 157 13.81 18.67 -9.34
C ALA B 157 12.58 19.56 -9.45
N PRO B 158 12.21 19.98 -10.66
CA PRO B 158 11.08 20.91 -10.80
C PRO B 158 9.73 20.23 -10.64
N ASP B 159 9.59 19.03 -11.22
CA ASP B 159 8.34 18.29 -11.13
C ASP B 159 8.10 17.67 -9.76
N GLY B 160 9.03 17.85 -8.81
CA GLY B 160 8.86 17.29 -7.49
C GLY B 160 8.91 15.78 -7.43
N ARG B 161 9.56 15.15 -8.40
CA ARG B 161 9.64 13.70 -8.47
C ARG B 161 11.10 13.27 -8.62
N ALA B 162 11.43 12.13 -8.01
CA ALA B 162 12.79 11.63 -8.06
C ALA B 162 12.77 10.15 -7.71
N ASP B 163 13.89 9.47 -7.99
CA ASP B 163 14.11 8.10 -7.58
C ASP B 163 15.00 8.11 -6.35
N LEU B 164 14.48 7.61 -5.23
CA LEU B 164 15.26 7.55 -4.00
C LEU B 164 16.50 6.69 -4.17
N MET B 165 16.43 5.69 -5.05
CA MET B 165 17.60 4.89 -5.37
C MET B 165 18.73 5.75 -5.94
N GLU B 166 18.42 6.53 -6.99
CA GLU B 166 19.44 7.32 -7.66
C GLU B 166 19.83 8.55 -6.86
N SER B 167 18.91 9.09 -6.06
CA SER B 167 19.13 10.38 -5.41
C SER B 167 19.77 10.26 -4.03
N LEU B 168 19.52 9.16 -3.31
CA LEU B 168 20.00 9.06 -1.94
C LEU B 168 20.48 7.67 -1.58
N ALA B 169 19.63 6.66 -1.84
CA ALA B 169 19.90 5.31 -1.35
C ALA B 169 21.25 4.79 -1.82
N TRP B 170 21.60 5.03 -3.08
CA TRP B 170 22.88 4.55 -3.57
C TRP B 170 24.04 5.54 -3.36
N PRO B 171 23.87 6.83 -3.68
CA PRO B 171 25.03 7.74 -3.58
C PRO B 171 25.60 7.88 -2.18
N LEU B 172 24.78 7.76 -1.13
CA LEU B 172 25.29 8.00 0.22
C LEU B 172 26.29 6.94 0.66
N PRO B 173 25.96 5.64 0.65
CA PRO B 173 26.95 4.66 1.16
C PRO B 173 28.18 4.56 0.29
N ILE B 174 28.05 4.68 -1.03
CA ILE B 174 29.21 4.55 -1.89
C ILE B 174 30.16 5.73 -1.69
N THR B 175 29.62 6.92 -1.36
CA THR B 175 30.49 8.06 -1.10
C THR B 175 31.23 7.90 0.21
N VAL B 176 30.53 7.43 1.26
CA VAL B 176 31.15 7.29 2.57
C VAL B 176 32.27 6.27 2.53
N ILE B 177 32.00 5.09 1.97
CA ILE B 177 32.99 4.02 1.98
C ILE B 177 34.14 4.34 1.03
N SER B 178 33.88 5.07 -0.06
CA SER B 178 34.95 5.41 -0.99
C SER B 178 35.92 6.41 -0.37
N GLU B 179 35.38 7.38 0.39
CA GLU B 179 36.26 8.33 1.06
C GLU B 179 37.04 7.67 2.19
N LEU B 180 36.46 6.67 2.84
CA LEU B 180 37.16 5.96 3.90
C LEU B 180 38.31 5.13 3.33
N LEU B 181 38.06 4.42 2.23
CA LEU B 181 39.08 3.58 1.60
C LEU B 181 39.87 4.32 0.54
N GLY B 182 39.58 5.59 0.28
CA GLY B 182 40.35 6.36 -0.67
C GLY B 182 40.13 5.97 -2.12
N VAL B 183 38.88 5.86 -2.53
CA VAL B 183 38.52 5.57 -3.91
C VAL B 183 38.24 6.89 -4.61
N PRO B 184 38.98 7.27 -5.65
CA PRO B 184 38.74 8.56 -6.30
C PRO B 184 37.34 8.63 -6.90
N GLU B 185 36.79 9.84 -6.89
CA GLU B 185 35.43 10.07 -7.37
C GLU B 185 35.17 9.54 -8.77
N PRO B 186 36.03 9.73 -9.77
CA PRO B 186 35.71 9.24 -11.12
C PRO B 186 35.59 7.73 -11.23
N ASP B 187 36.09 6.98 -10.25
CA ASP B 187 36.03 5.51 -10.29
C ASP B 187 34.79 4.94 -9.61
N ARG B 188 34.03 5.76 -8.89
CA ARG B 188 32.93 5.23 -8.06
C ARG B 188 31.77 4.73 -8.92
N ALA B 189 31.45 5.44 -10.00
CA ALA B 189 30.31 5.08 -10.82
C ALA B 189 30.45 3.68 -11.40
N ALA B 190 31.68 3.22 -11.62
CA ALA B 190 31.90 1.88 -12.13
C ALA B 190 31.47 0.82 -11.12
N PHE B 191 31.41 1.16 -9.83
CA PHE B 191 31.03 0.18 -8.83
C PHE B 191 29.54 -0.19 -8.95
N ARG B 192 28.69 0.79 -9.25
CA ARG B 192 27.27 0.48 -9.45
C ARG B 192 27.08 -0.55 -10.55
N VAL B 193 27.85 -0.42 -11.64
CA VAL B 193 27.76 -1.38 -12.73
C VAL B 193 28.19 -2.76 -12.26
N TRP B 194 29.25 -2.83 -11.44
CA TRP B 194 29.79 -4.11 -11.02
C TRP B 194 28.84 -4.83 -10.08
N THR B 195 28.32 -4.12 -9.07
CA THR B 195 27.44 -4.77 -8.11
C THR B 195 26.06 -5.05 -8.71
N ASP B 196 25.62 -4.24 -9.67
CA ASP B 196 24.41 -4.59 -10.41
C ASP B 196 24.60 -5.89 -11.17
N ALA B 197 25.82 -6.19 -11.59
CA ALA B 197 26.13 -7.46 -12.23
C ALA B 197 26.31 -8.59 -11.23
N PHE B 198 26.63 -8.27 -9.97
CA PHE B 198 26.72 -9.30 -8.94
C PHE B 198 25.35 -9.72 -8.45
N VAL B 199 24.42 -8.78 -8.34
CA VAL B 199 23.11 -9.04 -7.77
C VAL B 199 22.13 -9.54 -8.82
N PHE B 200 22.02 -8.82 -9.94
CA PHE B 200 21.06 -9.14 -11.00
C PHE B 200 21.83 -9.42 -12.30
N PRO B 201 22.56 -10.53 -12.37
CA PRO B 201 23.34 -10.82 -13.58
C PRO B 201 22.40 -11.21 -14.72
N ASP B 202 22.43 -10.42 -15.80
CA ASP B 202 21.68 -10.78 -17.00
C ASP B 202 22.08 -12.16 -17.50
N ASP B 203 23.32 -12.56 -17.23
CA ASP B 203 23.80 -13.92 -17.48
C ASP B 203 24.97 -14.18 -16.54
N PRO B 204 25.23 -15.45 -16.21
CA PRO B 204 26.33 -15.74 -15.27
C PRO B 204 27.69 -15.26 -15.72
N ALA B 205 27.94 -15.18 -17.04
CA ALA B 205 29.21 -14.68 -17.53
C ALA B 205 29.39 -13.19 -17.27
N GLN B 206 28.29 -12.43 -17.14
CA GLN B 206 28.39 -11.01 -16.83
C GLN B 206 28.89 -10.79 -15.41
N ALA B 207 28.54 -11.69 -14.49
CA ALA B 207 28.98 -11.55 -13.11
C ALA B 207 30.46 -11.88 -12.96
N GLN B 208 30.93 -12.95 -13.63
CA GLN B 208 32.33 -13.32 -13.57
C GLN B 208 33.20 -12.23 -14.19
N THR B 209 32.73 -11.63 -15.29
CA THR B 209 33.49 -10.55 -15.93
C THR B 209 33.63 -9.35 -15.00
N ALA B 210 32.57 -9.01 -14.27
CA ALA B 210 32.64 -7.90 -13.34
C ALA B 210 33.60 -8.19 -12.20
N MET B 211 33.69 -9.46 -11.77
CA MET B 211 34.64 -9.82 -10.72
C MET B 211 36.08 -9.67 -11.20
N ALA B 212 36.37 -10.12 -12.42
CA ALA B 212 37.70 -9.96 -12.97
C ALA B 212 38.04 -8.48 -13.16
N GLU B 213 37.05 -7.69 -13.60
CA GLU B 213 37.30 -6.27 -13.81
C GLU B 213 37.51 -5.54 -12.48
N MET B 214 36.72 -5.88 -11.46
CA MET B 214 36.90 -5.27 -10.15
C MET B 214 38.23 -5.70 -9.52
N SER B 215 38.58 -6.98 -9.67
CA SER B 215 39.86 -7.45 -9.15
C SER B 215 41.04 -6.75 -9.82
N GLY B 216 40.94 -6.53 -11.14
CA GLY B 216 42.00 -5.81 -11.82
C GLY B 216 42.09 -4.36 -11.40
N TYR B 217 40.93 -3.71 -11.19
CA TYR B 217 40.94 -2.31 -10.77
C TYR B 217 41.49 -2.17 -9.35
N LEU B 218 41.08 -3.04 -8.43
CA LEU B 218 41.50 -2.92 -7.05
C LEU B 218 43.01 -3.11 -6.91
N SER B 219 43.58 -4.06 -7.67
CA SER B 219 45.03 -4.22 -7.66
C SER B 219 45.71 -2.96 -8.19
N ARG B 220 45.11 -2.30 -9.17
CA ARG B 220 45.66 -1.04 -9.67
C ARG B 220 45.55 0.06 -8.62
N LEU B 221 44.38 0.18 -7.99
CA LEU B 221 44.21 1.17 -6.93
C LEU B 221 45.14 0.89 -5.76
N ILE B 222 45.31 -0.38 -5.40
CA ILE B 222 46.23 -0.75 -4.32
C ILE B 222 47.65 -0.31 -4.67
N ASP B 223 48.09 -0.60 -5.90
CA ASP B 223 49.44 -0.23 -6.31
C ASP B 223 49.61 1.28 -6.39
N SER B 224 48.54 2.02 -6.66
CA SER B 224 48.64 3.47 -6.79
C SER B 224 48.86 4.15 -5.44
N LYS B 225 48.58 3.47 -4.33
CA LYS B 225 48.81 4.04 -3.01
C LYS B 225 50.24 3.87 -2.54
N ARG B 226 50.99 2.94 -3.15
CA ARG B 226 52.32 2.61 -2.68
C ARG B 226 53.25 3.82 -2.76
N GLY B 227 53.83 4.20 -1.62
CA GLY B 227 54.79 5.28 -1.57
C GLY B 227 54.20 6.67 -1.62
N GLN B 228 52.88 6.81 -1.54
CA GLN B 228 52.22 8.11 -1.63
C GLN B 228 51.87 8.69 -0.27
N ASP B 229 52.12 7.96 0.82
CA ASP B 229 51.91 8.46 2.18
C ASP B 229 50.47 8.89 2.43
N GLY B 230 49.51 8.27 1.74
CA GLY B 230 48.12 8.55 2.00
C GLY B 230 47.71 8.07 3.38
N GLU B 231 46.70 8.72 3.95
CA GLU B 231 46.23 8.38 5.29
C GLU B 231 44.86 7.72 5.29
N ASP B 232 44.33 7.39 4.11
CA ASP B 232 43.10 6.63 4.04
C ASP B 232 43.35 5.19 4.52
N LEU B 233 42.25 4.44 4.67
CA LEU B 233 42.36 3.09 5.22
C LEU B 233 43.10 2.16 4.26
N LEU B 234 42.85 2.29 2.96
CA LEU B 234 43.55 1.44 2.00
C LEU B 234 45.05 1.69 2.02
N SER B 235 45.45 2.96 2.12
CA SER B 235 46.87 3.29 2.18
C SER B 235 47.52 2.67 3.42
N ALA B 236 46.82 2.69 4.54
CA ALA B 236 47.34 2.05 5.75
C ALA B 236 47.40 0.53 5.59
N LEU B 237 46.45 -0.05 4.86
CA LEU B 237 46.48 -1.50 4.64
C LEU B 237 47.60 -1.90 3.70
N VAL B 238 47.90 -1.06 2.70
CA VAL B 238 49.00 -1.35 1.79
C VAL B 238 50.33 -1.33 2.55
N ARG B 239 50.53 -0.30 3.37
CA ARG B 239 51.75 -0.21 4.16
C ARG B 239 51.86 -1.38 5.15
N THR B 240 50.73 -1.79 5.73
CA THR B 240 50.74 -2.94 6.63
C THR B 240 51.14 -4.21 5.88
N SER B 241 50.57 -4.41 4.69
CA SER B 241 50.88 -5.62 3.92
C SER B 241 52.32 -5.61 3.45
N ASP B 242 52.83 -4.46 3.01
CA ASP B 242 54.21 -4.38 2.53
C ASP B 242 55.21 -4.58 3.66
N GLU B 243 54.87 -4.13 4.87
CA GLU B 243 55.80 -4.29 6.00
C GLU B 243 55.94 -5.75 6.39
N ASP B 244 54.83 -6.51 6.38
CA ASP B 244 54.87 -7.91 6.76
C ASP B 244 53.81 -8.64 5.94
N GLY B 245 54.26 -9.36 4.91
CA GLY B 245 53.34 -10.14 4.10
C GLY B 245 52.68 -11.27 4.85
N SER B 246 53.23 -11.67 5.99
CA SER B 246 52.61 -12.72 6.80
C SER B 246 51.46 -12.19 7.66
N ARG B 247 51.42 -10.89 7.91
CA ARG B 247 50.29 -10.31 8.64
C ARG B 247 49.13 -9.99 7.70
N LEU B 248 49.43 -9.65 6.45
CA LEU B 248 48.40 -9.42 5.43
C LEU B 248 49.06 -9.68 4.08
N THR B 249 48.75 -10.82 3.47
CA THR B 249 49.30 -11.14 2.17
C THR B 249 48.70 -10.23 1.10
N SER B 250 49.36 -10.18 -0.06
CA SER B 250 48.85 -9.40 -1.17
C SER B 250 47.48 -9.91 -1.62
N GLU B 251 47.25 -11.22 -1.49
CA GLU B 251 45.93 -11.77 -1.77
C GLU B 251 44.91 -11.29 -0.74
N GLU B 252 45.27 -11.34 0.54
CA GLU B 252 44.38 -10.85 1.58
C GLU B 252 44.20 -9.33 1.50
N LEU B 253 45.23 -8.60 1.06
CA LEU B 253 45.09 -7.17 0.87
C LEU B 253 44.05 -6.85 -0.20
N LEU B 254 44.07 -7.60 -1.31
CA LEU B 254 43.06 -7.41 -2.35
C LEU B 254 41.68 -7.79 -1.85
N GLY B 255 41.58 -8.92 -1.15
CA GLY B 255 40.28 -9.35 -0.62
C GLY B 255 39.74 -8.41 0.44
N MET B 256 40.62 -7.78 1.22
CA MET B 256 40.16 -6.84 2.23
C MET B 256 39.57 -5.59 1.59
N ALA B 257 40.22 -5.06 0.57
CA ALA B 257 39.71 -3.90 -0.15
C ALA B 257 38.37 -4.22 -0.80
N ILE B 259 36.15 -6.68 0.18
CA ILE B 259 35.09 -6.95 1.14
C ILE B 259 34.61 -5.66 1.82
N LEU B 260 35.54 -4.73 2.08
CA LEU B 260 35.14 -3.48 2.75
C LEU B 260 34.33 -2.59 1.83
N LEU B 261 34.62 -2.60 0.53
CA LEU B 261 33.94 -1.72 -0.41
C LEU B 261 32.58 -2.29 -0.82
N VAL B 262 32.48 -3.61 -0.96
CA VAL B 262 31.28 -4.22 -1.51
C VAL B 262 30.29 -4.61 -0.41
N ALA B 263 30.77 -5.30 0.63
CA ALA B 263 29.86 -5.82 1.66
C ALA B 263 29.08 -4.71 2.34
N GLY B 264 29.61 -3.49 2.34
CA GLY B 264 28.97 -2.41 3.05
C GLY B 264 27.95 -1.62 2.28
N HIS B 265 28.34 -1.12 1.11
CA HIS B 265 27.50 -0.17 0.41
C HIS B 265 26.21 -0.80 -0.08
N GLU B 266 26.26 -2.04 -0.57
CA GLU B 266 25.06 -2.63 -1.16
C GLU B 266 23.98 -2.91 -0.12
N THR B 267 24.38 -3.40 1.06
CA THR B 267 23.40 -3.64 2.11
C THR B 267 22.80 -2.34 2.62
N THR B 268 23.63 -1.31 2.79
CA THR B 268 23.12 -0.01 3.23
C THR B 268 22.23 0.64 2.19
N VAL B 269 22.54 0.43 0.90
CA VAL B 269 21.68 0.95 -0.17
C VAL B 269 20.26 0.44 0.01
N ASN B 270 20.10 -0.87 0.23
CA ASN B 270 18.78 -1.46 0.30
C ASN B 270 18.13 -1.23 1.65
N LEU B 271 18.91 -1.05 2.72
CA LEU B 271 18.31 -0.71 4.00
C LEU B 271 17.62 0.65 3.94
N ILE B 272 18.26 1.62 3.28
CA ILE B 272 17.65 2.94 3.14
C ILE B 272 16.41 2.88 2.24
N ALA B 273 16.49 2.09 1.17
CA ALA B 273 15.36 1.98 0.25
C ALA B 273 14.22 1.17 0.86
N ASN B 274 14.54 -0.02 1.39
CA ASN B 274 13.49 -0.84 2.00
C ASN B 274 12.89 -0.14 3.20
N GLY B 275 13.69 0.61 3.95
CA GLY B 275 13.17 1.28 5.13
C GLY B 275 12.19 2.39 4.78
N MET B 276 12.54 3.20 3.78
CA MET B 276 11.63 4.28 3.38
C MET B 276 10.38 3.75 2.71
N TYR B 277 10.51 2.66 1.95
CA TYR B 277 9.33 2.04 1.35
C TYR B 277 8.39 1.52 2.43
N ALA B 278 8.94 0.86 3.45
CA ALA B 278 8.11 0.38 4.55
C ALA B 278 7.49 1.54 5.31
N LEU B 279 8.22 2.64 5.43
CA LEU B 279 7.70 3.81 6.13
C LEU B 279 6.59 4.49 5.32
N LEU B 280 6.79 4.65 4.02
CA LEU B 280 5.82 5.33 3.17
C LEU B 280 4.58 4.48 2.87
N SER B 281 4.69 3.15 2.93
CA SER B 281 3.55 2.26 2.74
C SER B 281 2.86 1.90 4.05
N HIS B 282 3.24 2.56 5.15
CA HIS B 282 2.60 2.38 6.45
C HIS B 282 2.35 3.77 7.04
N PRO B 283 1.31 4.46 6.56
CA PRO B 283 1.14 5.87 6.93
C PRO B 283 0.97 6.11 8.43
N ASP B 284 0.39 5.14 9.16
CA ASP B 284 0.25 5.32 10.59
C ASP B 284 1.60 5.36 11.30
N GLN B 285 2.58 4.61 10.79
CA GLN B 285 3.90 4.60 11.40
C GLN B 285 4.69 5.87 11.04
N LEU B 286 4.57 6.34 9.80
CA LEU B 286 5.25 7.57 9.41
C LEU B 286 4.73 8.75 10.22
N ALA B 287 3.43 8.78 10.51
CA ALA B 287 2.87 9.85 11.32
C ALA B 287 3.43 9.83 12.74
N ALA B 288 3.56 8.63 13.31
CA ALA B 288 4.11 8.51 14.66
C ALA B 288 5.56 8.98 14.72
N LEU B 289 6.35 8.65 13.69
CA LEU B 289 7.73 9.10 13.66
C LEU B 289 7.82 10.61 13.44
N ARG B 290 7.01 11.14 12.52
CA ARG B 290 7.00 12.58 12.28
C ARG B 290 6.61 13.34 13.55
N ALA B 291 5.66 12.80 14.31
CA ALA B 291 5.22 13.47 15.53
C ALA B 291 6.26 13.37 16.65
N ASP B 292 7.00 12.27 16.70
CA ASP B 292 8.00 12.04 17.75
C ASP B 292 9.25 11.49 17.09
N MET B 293 10.19 12.40 16.75
CA MET B 293 11.41 12.01 16.08
C MET B 293 12.38 11.27 16.99
N THR B 294 12.13 11.23 18.30
CA THR B 294 12.95 10.42 19.19
C THR B 294 12.76 8.92 18.97
N LEU B 295 11.72 8.53 18.23
CA LEU B 295 11.51 7.14 17.84
C LEU B 295 12.31 6.75 16.61
N LEU B 296 13.21 7.63 16.15
CA LEU B 296 13.95 7.38 14.91
C LEU B 296 14.81 6.14 15.01
N ASP B 297 15.59 6.02 16.10
CA ASP B 297 16.50 4.90 16.23
C ASP B 297 15.76 3.56 16.25
N GLY B 298 14.70 3.47 17.06
CA GLY B 298 13.89 2.27 17.08
C GLY B 298 13.20 2.01 15.76
N ALA B 299 12.87 3.07 15.02
CA ALA B 299 12.28 2.90 13.69
C ALA B 299 13.26 2.26 12.73
N VAL B 300 14.53 2.69 12.78
CA VAL B 300 15.55 2.11 11.90
C VAL B 300 15.77 0.64 12.25
N GLU B 301 15.71 0.30 13.54
CA GLU B 301 15.87 -1.09 13.95
C GLU B 301 14.73 -1.94 13.40
N GLU B 302 13.52 -1.38 13.32
CA GLU B 302 12.40 -2.14 12.80
C GLU B 302 12.45 -2.28 11.29
N MET B 303 13.02 -1.30 10.58
CA MET B 303 13.28 -1.49 9.16
C MET B 303 14.23 -2.65 8.94
N LEU B 304 15.22 -2.81 9.82
CA LEU B 304 16.13 -3.95 9.74
C LEU B 304 15.40 -5.26 10.02
N ARG B 305 14.49 -5.25 10.99
CA ARG B 305 13.73 -6.46 11.33
C ARG B 305 12.69 -6.77 10.26
N TYR B 306 11.90 -5.76 9.88
CA TYR B 306 10.76 -5.98 8.99
C TYR B 306 11.19 -6.22 7.56
N GLU B 307 12.08 -5.39 7.03
CA GLU B 307 12.49 -5.48 5.63
C GLU B 307 13.99 -5.27 5.51
N GLY B 308 14.76 -6.06 6.26
CA GLY B 308 16.20 -6.00 6.20
C GLY B 308 16.73 -6.37 4.82
N PRO B 309 17.87 -5.78 4.44
CA PRO B 309 18.40 -6.04 3.09
C PRO B 309 18.96 -7.43 2.90
N VAL B 310 19.37 -8.12 3.96
CA VAL B 310 19.95 -9.45 3.85
C VAL B 310 18.82 -10.45 4.05
N GLU B 311 18.37 -11.06 2.95
CA GLU B 311 17.33 -12.08 3.04
C GLU B 311 17.89 -13.39 3.59
N SER B 312 19.06 -13.80 3.11
CA SER B 312 19.74 -14.99 3.59
C SER B 312 21.22 -14.68 3.80
N ALA B 313 21.80 -15.26 4.85
CA ALA B 313 23.20 -15.05 5.13
C ALA B 313 24.08 -15.73 4.08
N THR B 314 25.35 -15.35 4.06
CA THR B 314 26.26 -15.86 3.03
C THR B 314 26.54 -17.34 3.26
N TYR B 315 27.22 -17.93 2.27
CA TYR B 315 27.35 -19.38 2.20
C TYR B 315 28.06 -19.95 3.43
N ARG B 316 27.43 -20.96 4.04
CA ARG B 316 28.04 -21.72 5.13
C ARG B 316 28.15 -23.17 4.72
N PHE B 317 29.22 -23.82 5.17
CA PHE B 317 29.52 -25.20 4.78
C PHE B 317 29.77 -26.04 6.03
N PRO B 318 29.02 -27.10 6.25
CA PRO B 318 29.32 -28.00 7.38
C PRO B 318 30.66 -28.68 7.16
N VAL B 319 31.57 -28.50 8.12
CA VAL B 319 32.85 -29.19 8.06
C VAL B 319 32.64 -30.70 8.08
N GLU B 320 31.74 -31.17 8.92
CA GLU B 320 31.31 -32.55 9.01
C GLU B 320 29.80 -32.58 8.96
N PRO B 321 29.19 -33.74 8.73
CA PRO B 321 27.73 -33.81 8.71
C PRO B 321 27.12 -33.25 9.98
N VAL B 322 26.01 -32.53 9.82
CA VAL B 322 25.33 -31.86 10.93
C VAL B 322 23.91 -32.39 11.01
N ASP B 323 23.54 -32.89 12.19
CA ASP B 323 22.19 -33.40 12.44
C ASP B 323 21.34 -32.25 12.98
N LEU B 324 20.49 -31.69 12.12
CA LEU B 324 19.59 -30.60 12.49
C LEU B 324 18.20 -31.18 12.70
N ASP B 325 17.93 -31.64 13.92
CA ASP B 325 16.62 -32.16 14.31
C ASP B 325 16.17 -33.28 13.37
N GLY B 326 17.02 -34.32 13.28
CA GLY B 326 16.75 -35.45 12.41
C GLY B 326 17.10 -35.23 10.96
N THR B 327 17.19 -33.98 10.50
CA THR B 327 17.59 -33.68 9.13
C THR B 327 19.11 -33.62 9.07
N VAL B 328 19.69 -34.51 8.28
CA VAL B 328 21.14 -34.60 8.14
C VAL B 328 21.57 -33.74 6.95
N ILE B 329 22.45 -32.79 7.21
CA ILE B 329 23.00 -31.92 6.17
C ILE B 329 24.41 -32.40 5.86
N PRO B 330 24.69 -32.84 4.64
CA PRO B 330 26.01 -33.41 4.34
C PRO B 330 27.12 -32.36 4.45
N ALA B 331 28.32 -32.85 4.78
CA ALA B 331 29.48 -31.98 4.83
C ALA B 331 29.76 -31.39 3.46
N GLY B 332 30.19 -30.13 3.44
CA GLY B 332 30.54 -29.47 2.20
C GLY B 332 29.38 -28.87 1.43
N ASP B 333 28.14 -29.14 1.81
CA ASP B 333 27.01 -28.55 1.13
C ASP B 333 26.88 -27.06 1.50
N THR B 334 26.06 -26.36 0.72
CA THR B 334 25.86 -24.93 0.90
C THR B 334 24.61 -24.70 1.77
N VAL B 335 24.77 -23.89 2.82
CA VAL B 335 23.70 -23.64 3.78
C VAL B 335 23.41 -22.15 3.81
N LEU B 336 22.15 -21.79 3.61
CA LEU B 336 21.69 -20.41 3.66
C LEU B 336 20.82 -20.22 4.89
N VAL B 337 21.27 -19.36 5.81
CA VAL B 337 20.48 -19.01 6.98
C VAL B 337 19.51 -17.92 6.56
N VAL B 338 18.22 -18.24 6.53
CA VAL B 338 17.19 -17.32 6.04
C VAL B 338 16.82 -16.33 7.12
N LEU B 339 17.51 -15.19 7.15
CA LEU B 339 17.22 -14.17 8.16
C LEU B 339 15.81 -13.61 8.01
N ALA B 340 15.29 -13.55 6.77
CA ALA B 340 13.95 -13.02 6.55
C ALA B 340 12.91 -13.85 7.29
N ASP B 341 13.05 -15.18 7.27
CA ASP B 341 12.11 -16.03 7.99
C ASP B 341 12.32 -15.93 9.49
N ALA B 342 13.55 -15.72 9.94
CA ALA B 342 13.82 -15.58 11.36
C ALA B 342 13.12 -14.36 11.94
N HIS B 343 13.00 -13.29 11.14
CA HIS B 343 12.35 -12.07 11.60
C HIS B 343 10.82 -12.14 11.50
N ARG B 344 10.28 -13.20 10.92
CA ARG B 344 8.84 -13.41 10.87
C ARG B 344 8.39 -14.56 11.77
N THR B 345 9.28 -15.07 12.60
CA THR B 345 8.91 -16.10 13.57
C THR B 345 8.01 -15.47 14.64
N PRO B 346 6.74 -15.89 14.75
CA PRO B 346 5.83 -15.21 15.68
C PRO B 346 6.22 -15.40 17.13
N GLU B 347 6.87 -16.51 17.48
CA GLU B 347 7.24 -16.75 18.86
C GLU B 347 8.32 -15.77 19.33
N ARG B 348 9.13 -15.27 18.41
CA ARG B 348 10.18 -14.31 18.74
C ARG B 348 9.77 -12.86 18.50
N PHE B 349 8.99 -12.62 17.45
CA PHE B 349 8.49 -11.27 17.14
C PHE B 349 6.97 -11.36 16.98
N PRO B 350 6.21 -11.03 18.03
CA PRO B 350 4.75 -11.16 17.94
C PRO B 350 4.18 -10.21 16.89
N ASP B 351 3.14 -10.67 16.21
CA ASP B 351 2.57 -9.97 15.06
C ASP B 351 3.69 -9.66 14.05
N PRO B 352 4.33 -10.70 13.50
CA PRO B 352 5.59 -10.46 12.77
C PRO B 352 5.43 -9.70 11.48
N HIS B 353 4.26 -9.77 10.83
CA HIS B 353 4.04 -9.09 9.57
C HIS B 353 3.64 -7.63 9.75
N ARG B 354 3.51 -7.17 10.99
CA ARG B 354 3.18 -5.77 11.25
C ARG B 354 4.45 -4.94 11.35
N PHE B 355 4.48 -3.82 10.65
CA PHE B 355 5.59 -2.86 10.72
C PHE B 355 5.32 -1.92 11.90
N ASP B 356 6.03 -2.14 13.00
CA ASP B 356 5.82 -1.39 14.24
C ASP B 356 7.16 -0.85 14.72
N ILE B 357 7.35 0.46 14.59
CA ILE B 357 8.61 1.09 14.99
C ILE B 357 8.77 1.16 16.50
N ARG B 358 7.75 0.80 17.27
CA ARG B 358 7.81 0.79 18.72
C ARG B 358 7.97 -0.60 19.30
N ARG B 359 7.95 -1.64 18.47
CA ARG B 359 8.08 -3.01 18.95
C ARG B 359 9.47 -3.26 19.53
N ASP B 360 9.59 -4.35 20.27
CA ASP B 360 10.89 -4.78 20.80
C ASP B 360 11.65 -5.48 19.69
N THR B 361 12.67 -4.81 19.16
CA THR B 361 13.47 -5.34 18.05
C THR B 361 14.76 -6.01 18.51
N ALA B 362 15.00 -6.08 19.82
CA ALA B 362 16.24 -6.65 20.33
C ALA B 362 16.37 -8.11 19.92
N GLY B 363 17.55 -8.47 19.43
CA GLY B 363 17.82 -9.83 19.02
C GLY B 363 17.61 -10.12 17.54
N HIS B 364 17.42 -9.10 16.72
CA HIS B 364 17.24 -9.33 15.29
C HIS B 364 18.57 -9.66 14.63
N LEU B 365 18.50 -10.48 13.58
CA LEU B 365 19.69 -11.01 12.92
C LEU B 365 20.04 -10.25 11.64
N ALA B 366 19.57 -9.00 11.50
CA ALA B 366 19.81 -8.26 10.28
C ALA B 366 21.30 -8.04 10.03
N PHE B 367 22.09 -7.91 11.09
CA PHE B 367 23.54 -7.80 10.98
C PHE B 367 24.26 -9.11 11.22
N GLY B 368 23.52 -10.21 11.40
CA GLY B 368 24.13 -11.48 11.70
C GLY B 368 24.25 -11.70 13.20
N HIS B 369 25.09 -12.68 13.54
CA HIS B 369 25.32 -13.08 14.92
C HIS B 369 26.54 -13.98 14.95
N GLY B 370 27.38 -13.81 15.97
CA GLY B 370 28.61 -14.58 16.09
C GLY B 370 29.83 -13.78 15.70
N ILE B 371 30.91 -14.51 15.41
CA ILE B 371 32.17 -13.87 15.09
C ILE B 371 32.10 -13.10 13.77
N HIS B 372 31.12 -13.40 12.91
CA HIS B 372 30.95 -12.71 11.64
C HIS B 372 29.93 -11.59 11.72
N PHE B 373 29.52 -11.20 12.92
CA PHE B 373 28.60 -10.08 13.09
C PHE B 373 29.14 -8.86 12.37
N CYS B 374 28.26 -8.17 11.64
CA CYS B 374 28.65 -7.11 10.72
C CYS B 374 29.55 -6.09 11.39
N ILE B 375 30.77 -5.96 10.86
CA ILE B 375 31.72 -4.99 11.39
C ILE B 375 31.27 -3.56 11.10
N GLY B 376 30.42 -3.36 10.09
CA GLY B 376 29.97 -2.04 9.71
C GLY B 376 28.65 -1.61 10.32
N ALA B 377 28.12 -2.36 11.29
CA ALA B 377 26.82 -2.02 11.87
C ALA B 377 26.75 -0.62 12.45
N PRO B 378 27.75 -0.12 13.21
CA PRO B 378 27.66 1.28 13.67
C PRO B 378 27.69 2.28 12.53
N LEU B 379 28.49 2.02 11.49
CA LEU B 379 28.54 2.93 10.35
C LEU B 379 27.22 2.91 9.59
N ALA B 380 26.67 1.72 9.34
CA ALA B 380 25.43 1.61 8.59
C ALA B 380 24.27 2.24 9.35
N ARG B 381 24.24 2.08 10.68
CA ARG B 381 23.19 2.71 11.48
C ARG B 381 23.32 4.23 11.43
N LEU B 382 24.53 4.76 11.51
CA LEU B 382 24.73 6.20 11.42
C LEU B 382 24.24 6.74 10.09
N GLU B 383 24.53 6.02 9.00
CA GLU B 383 24.10 6.48 7.68
C GLU B 383 22.59 6.44 7.54
N ALA B 384 21.96 5.33 7.97
CA ALA B 384 20.52 5.20 7.83
C ALA B 384 19.77 6.17 8.73
N ARG B 385 20.26 6.37 9.96
CA ARG B 385 19.59 7.30 10.87
C ARG B 385 19.61 8.72 10.34
N ILE B 386 20.74 9.14 9.78
CA ILE B 386 20.86 10.50 9.26
C ILE B 386 20.05 10.67 7.99
N ALA B 387 19.96 9.63 7.16
CA ALA B 387 19.21 9.73 5.91
C ALA B 387 17.71 9.83 6.17
N VAL B 388 17.18 8.93 7.00
CA VAL B 388 15.74 8.91 7.26
C VAL B 388 15.30 10.20 7.93
N ARG B 389 16.08 10.68 8.90
CA ARG B 389 15.72 11.91 9.59
C ARG B 389 15.73 13.10 8.62
N ALA B 390 16.68 13.12 7.69
CA ALA B 390 16.76 14.24 6.76
C ALA B 390 15.62 14.24 5.76
N LEU B 391 15.23 13.05 5.28
CA LEU B 391 14.10 12.97 4.34
C LEU B 391 12.82 13.45 5.00
N LEU B 392 12.56 13.01 6.24
CA LEU B 392 11.32 13.37 6.91
C LEU B 392 11.31 14.84 7.32
N GLU B 393 12.45 15.35 7.78
CA GLU B 393 12.51 16.72 8.26
C GLU B 393 12.44 17.75 7.13
N ARG B 394 12.76 17.36 5.89
CA ARG B 394 12.82 18.29 4.78
C ARG B 394 11.73 18.09 3.74
N CYS B 395 11.19 16.87 3.62
CA CYS B 395 10.06 16.58 2.74
C CYS B 395 8.86 16.20 3.60
N PRO B 396 8.07 17.17 4.08
CA PRO B 396 6.96 16.84 4.97
C PRO B 396 5.77 16.21 4.28
N ASP B 397 5.70 16.22 2.95
CA ASP B 397 4.61 15.59 2.22
C ASP B 397 5.12 14.46 1.33
N LEU B 398 6.21 13.82 1.74
CA LEU B 398 6.81 12.77 0.94
C LEU B 398 5.86 11.60 0.76
N ALA B 399 5.74 11.13 -0.48
CA ALA B 399 4.84 10.02 -0.79
C ALA B 399 5.44 9.18 -1.90
N LEU B 400 4.96 7.95 -2.01
CA LEU B 400 5.40 7.06 -3.08
C LEU B 400 4.81 7.52 -4.41
N ASP B 401 5.64 7.50 -5.45
CA ASP B 401 5.21 7.82 -6.81
C ASP B 401 4.97 6.57 -7.64
N VAL B 402 4.53 5.48 -7.01
CA VAL B 402 4.34 4.20 -7.68
C VAL B 402 3.51 3.29 -6.80
N SER B 403 2.61 2.52 -7.42
CA SER B 403 1.86 1.54 -6.66
C SER B 403 2.74 0.32 -6.38
N PRO B 404 2.56 -0.34 -5.23
CA PRO B 404 3.38 -1.52 -4.91
C PRO B 404 3.32 -2.63 -5.95
N GLY B 405 2.38 -2.57 -6.90
CA GLY B 405 2.36 -3.57 -7.97
C GLY B 405 3.44 -3.39 -9.00
N GLU B 406 3.81 -2.13 -9.29
CA GLU B 406 4.84 -1.86 -10.28
C GLU B 406 6.26 -1.97 -9.70
N LEU B 407 6.39 -2.11 -8.39
CA LEU B 407 7.71 -2.25 -7.78
C LEU B 407 8.32 -3.59 -8.17
N VAL B 408 9.62 -3.56 -8.48
CA VAL B 408 10.34 -4.75 -8.94
C VAL B 408 11.32 -5.14 -7.84
N TRP B 409 11.11 -6.32 -7.25
CA TRP B 409 12.04 -6.86 -6.27
C TRP B 409 13.03 -7.78 -6.96
N TYR B 410 14.23 -7.85 -6.41
CA TYR B 410 15.24 -8.70 -7.01
C TYR B 410 15.00 -10.16 -6.60
N PRO B 411 15.12 -11.10 -7.55
CA PRO B 411 14.78 -12.49 -7.25
C PRO B 411 15.84 -13.25 -6.47
N ASN B 412 16.97 -12.61 -6.16
CA ASN B 412 18.00 -13.25 -5.36
C ASN B 412 17.45 -13.62 -3.99
N PRO B 413 17.53 -14.89 -3.59
CA PRO B 413 17.09 -15.26 -2.23
C PRO B 413 18.03 -14.79 -1.14
N MET B 414 19.16 -14.20 -1.49
CA MET B 414 20.10 -13.64 -0.53
C MET B 414 19.91 -12.15 -0.32
N ILE B 415 19.39 -11.43 -1.31
CA ILE B 415 19.27 -9.98 -1.29
C ILE B 415 17.80 -9.61 -1.36
N ARG B 416 17.37 -8.70 -0.49
CA ARG B 416 16.03 -8.13 -0.52
C ARG B 416 16.17 -6.65 -0.85
N GLY B 417 15.89 -6.29 -2.10
CA GLY B 417 16.06 -4.92 -2.53
C GLY B 417 15.23 -4.59 -3.75
N LEU B 418 15.01 -3.31 -3.95
CA LEU B 418 14.20 -2.80 -5.05
C LEU B 418 15.09 -2.28 -6.18
N LYS B 419 14.61 -2.44 -7.41
CA LYS B 419 15.31 -1.86 -8.55
C LYS B 419 15.22 -0.34 -8.55
N ALA B 420 14.11 0.20 -8.05
CA ALA B 420 13.92 1.65 -7.98
C ALA B 420 12.84 1.95 -6.95
N LEU B 421 12.90 3.17 -6.41
CA LEU B 421 11.91 3.65 -5.44
C LEU B 421 11.49 5.06 -5.84
N PRO B 422 10.52 5.17 -6.74
CA PRO B 422 10.03 6.51 -7.12
C PRO B 422 9.25 7.16 -5.99
N ILE B 423 9.54 8.43 -5.73
CA ILE B 423 8.85 9.22 -4.72
C ILE B 423 8.46 10.56 -5.34
N ARG B 424 7.56 11.26 -4.65
CA ARG B 424 7.11 12.56 -5.12
C ARG B 424 6.82 13.46 -3.92
N TRP B 425 6.90 14.77 -4.17
CA TRP B 425 6.58 15.76 -3.15
C TRP B 425 5.96 16.96 -3.83
N ARG B 426 5.29 17.79 -3.03
CA ARG B 426 4.59 18.96 -3.53
C ARG B 426 4.98 20.21 -2.76
#